data_6NUB
#
_entry.id   6NUB
#
_cell.length_a   110.110
_cell.length_b   94.230
_cell.length_c   109.130
_cell.angle_alpha   90.00
_cell.angle_beta   95.63
_cell.angle_gamma   90.00
#
_symmetry.space_group_name_H-M   'C 1 2 1'
#
loop_
_entity.id
_entity.type
_entity.pdbx_description
1 polymer 'Pyruvate kinase PKM'
2 non-polymer SERINE
3 non-polymer 'MAGNESIUM ION'
4 non-polymer 'OXALATE ION'
5 non-polymer 'POTASSIUM ION'
6 non-polymer 'THIOCYANATE ION'
7 non-polymer DI(HYDROXYETHYL)ETHER
8 non-polymer 2-[3-(2-HYDROXY-1,1-DIHYDROXYMETHYL-ETHYLAMINO)-PROPYLAMINO]-2-HYDROXYMETHYL-PROPANE-1,3-DIOL
9 non-polymer 'TETRAETHYLENE GLYCOL'
10 non-polymer 1,2-ETHANEDIOL
11 water water
#
_entity_poly.entity_id   1
_entity_poly.type   'polypeptide(L)'
_entity_poly.pdbx_seq_one_letter_code
;MGSSHHHHHHSSGLVPRGSMSKPHSEAGTAFIQTQQLHAAMADTFLEHMCRLDIDSPPITARNTGIICTIGPASRSVETL
KEMIKSGMNVARLNFSHGTHEYHAETIKNVRTATESFASDPILYRPVAVALDTKGPEIRTGLIKGSGTAEVELKKGATLK
ITLDNAYMEKCDENILWLDYKNICKVVEVGSKIYVDDGLISLQVKQKGADFLVTEVENGGSLGSKKGVNLPGAAVDLPAV
SEKDIQDLKFGVEQDVDMVFASFIRKASDVHEVRKVLGEKGKNIKIISKIENHEGVRRFDEILEASDGIMVARGDLGIEI
PAEKVFLAQKMMIGRCNRAGKPVICATQMLESMIKKPRPTRAEGSDVANAVLDGADCIMLSGETAKGDYPLEAVRMQHLI
AREAEAAIYHLQLFEELRRLAPITSDPTEATAVGAVEASFKCCSGAIIVLTKSGRYAHQVARYRPRAPIIAVTRNPQTAR
QAHLYRGIFPVLCKDPVQEAWAEDVDLRVNFAMNVGKARGFFKKGDVVIVLTGWRPGSGFTNTMRVVPVP
;
_entity_poly.pdbx_strand_id   A,B
#
# COMPACT_ATOMS: atom_id res chain seq x y z
N GLU A 26 19.65 -10.95 -32.19
CA GLU A 26 19.59 -12.35 -32.60
C GLU A 26 18.51 -13.13 -31.84
N ALA A 27 17.93 -12.50 -30.82
CA ALA A 27 16.88 -13.16 -30.06
C ALA A 27 15.60 -13.29 -30.88
N GLY A 28 15.02 -12.17 -31.29
CA GLY A 28 13.85 -12.17 -32.13
C GLY A 28 12.78 -11.24 -31.59
N THR A 29 11.54 -11.50 -31.99
CA THR A 29 10.40 -10.67 -31.61
C THR A 29 9.98 -10.88 -30.16
N ALA A 30 10.61 -11.81 -29.44
CA ALA A 30 10.34 -11.96 -28.01
C ALA A 30 10.88 -10.80 -27.19
N PHE A 31 11.44 -9.77 -27.84
CA PHE A 31 11.95 -8.60 -27.13
C PHE A 31 10.85 -7.95 -26.32
N ILE A 32 11.18 -7.60 -25.08
CA ILE A 32 10.25 -6.93 -24.17
C ILE A 32 10.60 -5.45 -24.13
N GLN A 33 9.64 -4.60 -24.46
CA GLN A 33 9.84 -3.17 -24.36
C GLN A 33 10.20 -2.80 -22.92
N THR A 34 11.20 -1.95 -22.76
CA THR A 34 11.57 -1.49 -21.44
C THR A 34 10.58 -0.46 -20.93
N GLN A 35 10.76 -0.08 -19.66
CA GLN A 35 9.98 0.95 -18.94
C GLN A 35 8.49 0.90 -19.24
N GLN A 36 7.95 -0.33 -19.23
CA GLN A 36 6.52 -0.58 -19.34
C GLN A 36 5.92 0.11 -20.55
N LEU A 37 6.67 0.15 -21.65
CA LEU A 37 6.19 0.91 -22.79
C LEU A 37 4.98 0.25 -23.43
N HIS A 38 4.84 -1.08 -23.33
CA HIS A 38 3.63 -1.71 -23.83
C HIS A 38 2.41 -1.24 -23.04
N ALA A 39 2.50 -1.26 -21.71
CA ALA A 39 1.43 -0.71 -20.88
C ALA A 39 1.19 0.78 -21.16
N ALA A 40 2.25 1.53 -21.49
CA ALA A 40 2.11 2.96 -21.70
C ALA A 40 1.20 3.27 -22.89
N MET A 41 1.14 2.36 -23.86
CA MET A 41 0.38 2.62 -25.08
CA MET A 41 0.40 2.57 -25.10
C MET A 41 -1.05 2.12 -25.01
N ALA A 42 -1.47 1.55 -23.89
CA ALA A 42 -2.83 1.03 -23.80
C ALA A 42 -3.85 2.17 -23.89
N ASP A 43 -5.00 1.87 -24.52
CA ASP A 43 -6.03 2.88 -24.72
C ASP A 43 -6.97 3.03 -23.53
N THR A 44 -6.87 2.18 -22.52
CA THR A 44 -7.70 2.26 -21.33
C THR A 44 -6.80 2.03 -20.12
N PHE A 45 -7.21 2.56 -18.97
CA PHE A 45 -6.47 2.29 -17.74
C PHE A 45 -6.51 0.80 -17.39
N LEU A 46 -7.67 0.17 -17.57
CA LEU A 46 -7.76 -1.26 -17.29
C LEU A 46 -6.76 -2.05 -18.12
N GLU A 47 -6.68 -1.80 -19.43
CA GLU A 47 -5.71 -2.53 -20.22
C GLU A 47 -4.28 -2.11 -19.88
N HIS A 48 -4.07 -0.85 -19.47
CA HIS A 48 -2.76 -0.45 -18.95
C HIS A 48 -2.31 -1.37 -17.83
N MET A 49 -3.18 -1.59 -16.84
CA MET A 49 -2.86 -2.51 -15.73
C MET A 49 -2.55 -3.90 -16.27
N CYS A 50 -3.40 -4.40 -17.18
CA CYS A 50 -3.24 -5.77 -17.69
C CYS A 50 -1.89 -5.98 -18.35
N ARG A 51 -1.26 -4.91 -18.83
CA ARG A 51 -0.01 -5.02 -19.57
C ARG A 51 1.22 -4.80 -18.71
N LEU A 52 1.04 -4.46 -17.43
CA LEU A 52 2.20 -4.27 -16.58
C LEU A 52 3.01 -5.55 -16.51
N ASP A 53 4.32 -5.42 -16.65
CA ASP A 53 5.18 -6.55 -16.97
C ASP A 53 6.39 -6.55 -16.05
N ILE A 54 6.47 -7.54 -15.16
CA ILE A 54 7.63 -7.63 -14.26
C ILE A 54 8.92 -7.86 -15.03
N ASP A 55 8.83 -8.26 -16.29
CA ASP A 55 10.03 -8.50 -17.09
C ASP A 55 10.41 -7.30 -17.97
N SER A 56 9.73 -6.17 -17.80
CA SER A 56 10.07 -4.94 -18.52
C SER A 56 10.90 -4.06 -17.57
N PRO A 57 12.22 -3.96 -17.76
CA PRO A 57 13.06 -3.23 -16.77
C PRO A 57 12.88 -1.73 -16.90
N PRO A 58 12.97 -1.00 -15.80
CA PRO A 58 12.81 0.46 -15.86
C PRO A 58 14.06 1.12 -16.42
N ILE A 59 13.94 2.44 -16.64
CA ILE A 59 15.10 3.21 -17.06
C ILE A 59 16.02 3.39 -15.87
N THR A 60 17.21 3.91 -16.10
CA THR A 60 18.16 4.13 -15.01
C THR A 60 17.70 5.27 -14.09
N ALA A 61 17.17 6.36 -14.68
CA ALA A 61 16.78 7.51 -13.88
C ALA A 61 15.67 7.19 -12.90
N ARG A 62 15.75 7.80 -11.72
CA ARG A 62 14.73 7.69 -10.67
C ARG A 62 14.27 9.11 -10.33
N ASN A 63 12.97 9.37 -10.46
CA ASN A 63 12.46 10.73 -10.40
C ASN A 63 11.93 11.16 -9.03
N THR A 64 11.48 10.23 -8.20
CA THR A 64 10.86 10.55 -6.92
C THR A 64 11.95 10.89 -5.89
N GLY A 65 11.85 12.06 -5.27
CA GLY A 65 12.84 12.43 -4.26
C GLY A 65 12.75 11.54 -3.04
N ILE A 66 13.89 11.26 -2.41
CA ILE A 66 13.93 10.42 -1.21
C ILE A 66 14.43 11.27 -0.05
N ILE A 67 13.62 11.35 1.00
CA ILE A 67 13.89 12.14 2.20
C ILE A 67 14.16 11.16 3.34
N CYS A 68 15.30 11.33 4.03
CA CYS A 68 15.73 10.40 5.06
C CYS A 68 15.88 11.11 6.39
N THR A 69 15.25 10.59 7.42
CA THR A 69 15.42 11.15 8.76
C THR A 69 16.74 10.66 9.32
N ILE A 70 17.57 11.59 9.78
CA ILE A 70 18.90 11.26 10.28
C ILE A 70 18.83 11.17 11.80
N GLY A 71 19.45 10.12 12.35
CA GLY A 71 19.45 9.87 13.77
C GLY A 71 20.63 9.00 14.13
N PRO A 72 20.58 8.35 15.29
CA PRO A 72 21.74 7.54 15.73
C PRO A 72 22.18 6.49 14.72
N ALA A 73 21.27 5.93 13.94
CA ALA A 73 21.68 4.89 13.00
C ALA A 73 22.34 5.45 11.74
N SER A 74 22.24 6.76 11.49
CA SER A 74 22.61 7.27 10.18
C SER A 74 23.43 8.55 10.23
N ARG A 75 23.84 9.03 11.39
CA ARG A 75 24.43 10.36 11.41
C ARG A 75 25.95 10.36 11.32
N SER A 76 26.61 9.21 11.36
CA SER A 76 28.04 9.20 11.12
C SER A 76 28.33 9.61 9.68
N VAL A 77 29.49 10.26 9.47
CA VAL A 77 29.86 10.69 8.12
C VAL A 77 29.91 9.49 7.17
N GLU A 78 30.46 8.37 7.63
CA GLU A 78 30.64 7.25 6.71
C GLU A 78 29.29 6.66 6.28
N THR A 79 28.34 6.55 7.21
CA THR A 79 27.02 6.07 6.84
C THR A 79 26.32 7.06 5.92
N LEU A 80 26.44 8.36 6.20
CA LEU A 80 25.82 9.38 5.35
C LEU A 80 26.34 9.31 3.91
N LYS A 81 27.65 9.09 3.74
CA LYS A 81 28.17 8.91 2.39
C LYS A 81 27.47 7.78 1.67
N GLU A 82 27.26 6.66 2.36
CA GLU A 82 26.59 5.52 1.73
C GLU A 82 25.12 5.81 1.48
N MET A 83 24.47 6.56 2.38
CA MET A 83 23.09 6.95 2.14
CA MET A 83 23.10 7.01 2.18
C MET A 83 22.97 7.83 0.90
N ILE A 84 23.89 8.77 0.71
CA ILE A 84 23.86 9.59 -0.52
C ILE A 84 24.02 8.70 -1.73
N LYS A 85 25.00 7.80 -1.70
CA LYS A 85 25.21 6.90 -2.83
C LYS A 85 23.98 6.04 -3.09
N SER A 86 23.25 5.67 -2.04
CA SER A 86 22.06 4.84 -2.19
C SER A 86 20.83 5.60 -2.65
N GLY A 87 20.85 6.94 -2.58
CA GLY A 87 19.78 7.70 -3.17
C GLY A 87 19.19 8.81 -2.31
N MET A 88 19.70 9.00 -1.08
CA MET A 88 19.15 10.05 -0.22
C MET A 88 19.34 11.41 -0.87
N ASN A 89 18.26 12.20 -0.94
CA ASN A 89 18.32 13.54 -1.50
C ASN A 89 18.18 14.64 -0.46
N VAL A 90 17.47 14.35 0.63
CA VAL A 90 17.17 15.33 1.66
C VAL A 90 17.41 14.66 3.00
N ALA A 91 18.14 15.35 3.88
CA ALA A 91 18.36 14.91 5.24
C ALA A 91 17.35 15.63 6.13
N ARG A 92 16.48 14.86 6.77
CA ARG A 92 15.46 15.42 7.66
C ARG A 92 15.94 15.38 9.11
N LEU A 93 15.94 16.54 9.76
CA LEU A 93 16.26 16.65 11.18
C LEU A 93 14.98 16.80 11.97
N ASN A 94 14.70 15.83 12.83
CA ASN A 94 13.44 15.81 13.59
C ASN A 94 13.66 16.51 14.92
N PHE A 95 13.18 17.75 15.03
CA PHE A 95 13.40 18.53 16.24
C PHE A 95 12.45 18.17 17.37
N SER A 96 11.63 17.12 17.21
CA SER A 96 10.96 16.54 18.36
C SER A 96 11.95 15.91 19.33
N HIS A 97 13.14 15.55 18.86
CA HIS A 97 14.16 14.93 19.67
C HIS A 97 15.50 15.62 19.47
N GLY A 98 16.31 15.64 20.52
CA GLY A 98 17.68 16.12 20.37
C GLY A 98 17.81 17.59 20.68
N THR A 99 18.99 17.97 21.15
CA THR A 99 19.23 19.36 21.50
C THR A 99 19.89 20.08 20.30
N HIS A 100 20.11 21.39 20.43
CA HIS A 100 20.66 22.12 19.30
C HIS A 100 22.07 21.65 18.92
N GLU A 101 22.91 21.33 19.91
CA GLU A 101 24.26 20.92 19.52
CA GLU A 101 24.27 20.89 19.57
C GLU A 101 24.23 19.57 18.83
N TYR A 102 23.28 18.70 19.18
CA TYR A 102 23.14 17.42 18.49
C TYR A 102 22.79 17.65 17.03
N HIS A 103 21.82 18.53 16.77
CA HIS A 103 21.43 18.79 15.38
C HIS A 103 22.53 19.55 14.63
N ALA A 104 23.22 20.48 15.30
CA ALA A 104 24.35 21.13 14.64
C ALA A 104 25.38 20.10 14.19
N GLU A 105 25.66 19.08 15.01
CA GLU A 105 26.66 18.09 14.63
CA GLU A 105 26.66 18.09 14.62
C GLU A 105 26.15 17.20 13.50
N THR A 106 24.87 16.84 13.54
CA THR A 106 24.28 16.11 12.41
C THR A 106 24.44 16.89 11.11
N ILE A 107 24.09 18.18 11.13
CA ILE A 107 24.19 19.02 9.94
C ILE A 107 25.64 19.07 9.46
N LYS A 108 26.57 19.28 10.38
CA LYS A 108 27.99 19.27 10.02
C LYS A 108 28.37 17.97 9.32
N ASN A 109 27.90 16.84 9.85
CA ASN A 109 28.23 15.54 9.27
C ASN A 109 27.59 15.37 7.90
N VAL A 110 26.35 15.84 7.73
CA VAL A 110 25.70 15.76 6.43
C VAL A 110 26.52 16.52 5.40
N ARG A 111 27.02 17.70 5.78
CA ARG A 111 27.75 18.51 4.83
C ARG A 111 29.13 17.92 4.55
N THR A 112 29.78 17.35 5.58
CA THR A 112 31.06 16.68 5.34
C THR A 112 30.89 15.55 4.32
N ALA A 113 29.89 14.70 4.55
CA ALA A 113 29.63 13.58 3.65
C ALA A 113 29.30 14.06 2.24
N THR A 114 28.41 15.06 2.15
CA THR A 114 27.99 15.59 0.86
C THR A 114 29.18 16.16 0.10
N GLU A 115 29.99 16.99 0.77
CA GLU A 115 31.08 17.65 0.07
C GLU A 115 32.26 16.73 -0.18
N SER A 116 32.27 15.53 0.42
CA SER A 116 33.30 14.56 0.09
C SER A 116 33.24 14.15 -1.38
N PHE A 117 32.09 14.36 -2.02
CA PHE A 117 31.92 14.04 -3.43
C PHE A 117 32.14 15.24 -4.36
N ALA A 118 32.47 16.41 -3.80
CA ALA A 118 32.48 17.64 -4.58
C ALA A 118 33.63 17.72 -5.58
N SER A 119 34.68 16.92 -5.41
CA SER A 119 35.81 17.04 -6.33
C SER A 119 35.44 16.64 -7.76
N ASP A 120 34.34 15.91 -7.94
CA ASP A 120 33.87 15.51 -9.27
C ASP A 120 32.48 16.11 -9.44
N PRO A 121 32.39 17.31 -10.05
CA PRO A 121 31.07 17.94 -10.22
C PRO A 121 30.12 17.12 -11.07
N ILE A 122 30.64 16.26 -11.94
CA ILE A 122 29.78 15.43 -12.77
C ILE A 122 28.97 14.48 -11.91
N LEU A 123 29.58 13.94 -10.86
CA LEU A 123 28.94 12.94 -10.02
C LEU A 123 28.43 13.47 -8.69
N TYR A 124 28.83 14.67 -8.28
CA TYR A 124 28.35 15.25 -7.03
C TYR A 124 26.83 15.29 -6.99
N ARG A 125 26.25 14.90 -5.86
CA ARG A 125 24.81 15.05 -5.64
C ARG A 125 24.56 16.13 -4.59
N PRO A 126 23.85 17.21 -4.90
CA PRO A 126 23.39 18.11 -3.84
C PRO A 126 22.53 17.35 -2.85
N VAL A 127 22.65 17.72 -1.57
CA VAL A 127 21.86 17.10 -0.52
C VAL A 127 21.23 18.21 0.30
N ALA A 128 19.91 18.20 0.42
CA ALA A 128 19.24 19.25 1.15
C ALA A 128 19.14 18.92 2.63
N VAL A 129 18.97 19.96 3.44
CA VAL A 129 18.79 19.85 4.88
C VAL A 129 17.41 20.40 5.25
N ALA A 130 16.61 19.60 5.93
CA ALA A 130 15.24 19.98 6.29
C ALA A 130 15.10 19.98 7.81
N LEU A 131 14.49 21.04 8.34
CA LEU A 131 14.18 21.14 9.76
C LEU A 131 12.70 20.81 9.95
N ASP A 132 12.43 19.75 10.70
CA ASP A 132 11.07 19.31 10.98
C ASP A 132 10.72 19.74 12.41
N THR A 133 9.74 20.63 12.55
CA THR A 133 9.52 21.25 13.86
C THR A 133 8.89 20.27 14.85
N LYS A 134 9.15 20.53 16.13
CA LYS A 134 8.39 19.83 17.16
C LYS A 134 6.92 20.19 17.06
N GLY A 135 6.61 21.49 17.13
CA GLY A 135 5.25 21.96 17.04
C GLY A 135 4.42 21.55 18.25
N PRO A 136 3.09 21.63 18.13
CA PRO A 136 2.21 21.41 19.30
C PRO A 136 2.00 19.94 19.62
N GLU A 137 3.09 19.26 19.96
CA GLU A 137 3.06 17.91 20.45
C GLU A 137 2.59 17.83 21.89
N ILE A 138 1.99 16.70 22.24
CA ILE A 138 1.73 16.30 23.62
C ILE A 138 2.59 15.07 23.90
N ARG A 139 3.35 15.11 24.99
CA ARG A 139 4.29 14.04 25.32
C ARG A 139 4.12 13.64 26.78
N THR A 140 4.33 12.36 27.05
CA THR A 140 4.33 11.87 28.42
C THR A 140 5.68 12.14 29.08
N GLY A 141 5.78 11.76 30.35
CA GLY A 141 7.00 11.94 31.12
C GLY A 141 7.86 10.70 31.12
N LEU A 142 8.77 10.64 32.08
CA LEU A 142 9.70 9.52 32.20
C LEU A 142 9.12 8.44 33.10
N ILE A 143 9.26 7.19 32.68
CA ILE A 143 8.90 6.06 33.54
C ILE A 143 9.79 6.08 34.77
N LYS A 144 9.19 5.81 35.93
CA LYS A 144 9.93 5.89 37.18
C LYS A 144 11.10 4.91 37.17
N GLY A 145 12.15 5.27 37.90
CA GLY A 145 13.40 4.56 37.85
C GLY A 145 14.46 5.36 37.14
N SER A 146 15.00 4.83 36.06
CA SER A 146 15.95 5.56 35.23
C SER A 146 15.30 6.32 34.08
N GLY A 147 14.06 5.97 33.72
CA GLY A 147 13.41 6.48 32.53
C GLY A 147 13.52 5.58 31.31
N THR A 148 14.42 4.60 31.34
CA THR A 148 14.56 3.66 30.24
C THR A 148 13.71 2.41 30.39
N ALA A 149 13.05 2.24 31.53
CA ALA A 149 12.18 1.10 31.72
C ALA A 149 10.82 1.36 31.08
N GLU A 150 9.96 0.33 31.11
CA GLU A 150 8.60 0.41 30.61
C GLU A 150 7.66 -0.22 31.63
N VAL A 151 6.40 0.17 31.58
CA VAL A 151 5.37 -0.45 32.42
C VAL A 151 4.31 -1.04 31.50
N GLU A 152 3.66 -2.09 31.98
CA GLU A 152 2.61 -2.75 31.22
C GLU A 152 1.26 -2.18 31.62
N LEU A 153 0.56 -1.58 30.66
CA LEU A 153 -0.81 -1.14 30.86
C LEU A 153 -1.74 -2.27 30.43
N LYS A 154 -2.61 -2.71 31.34
CA LYS A 154 -3.48 -3.85 31.11
C LYS A 154 -4.90 -3.38 30.79
N LYS A 155 -5.52 -4.04 29.82
CA LYS A 155 -6.88 -3.69 29.44
C LYS A 155 -7.81 -3.73 30.65
N GLY A 156 -8.62 -2.69 30.79
CA GLY A 156 -9.57 -2.59 31.86
C GLY A 156 -9.05 -1.94 33.13
N ALA A 157 -7.73 -1.80 33.26
CA ALA A 157 -7.18 -1.20 34.46
C ALA A 157 -7.41 0.31 34.43
N THR A 158 -7.30 0.92 35.61
CA THR A 158 -7.44 2.36 35.76
C THR A 158 -6.07 3.01 35.61
N LEU A 159 -6.06 4.18 34.99
CA LEU A 159 -4.82 4.94 34.81
C LEU A 159 -5.15 6.40 35.03
N LYS A 160 -4.46 7.03 35.95
CA LYS A 160 -4.66 8.45 36.23
C LYS A 160 -3.66 9.26 35.42
N ILE A 161 -4.17 10.25 34.69
CA ILE A 161 -3.34 11.22 33.99
C ILE A 161 -3.22 12.45 34.87
N THR A 162 -1.99 12.88 35.14
CA THR A 162 -1.75 14.02 36.01
C THR A 162 -0.94 15.08 35.29
N LEU A 163 -1.17 16.34 35.68
CA LEU A 163 -0.34 17.44 35.23
C LEU A 163 0.64 17.91 36.29
N ASP A 164 0.57 17.32 37.48
CA ASP A 164 1.43 17.71 38.60
C ASP A 164 2.87 17.29 38.32
N ASN A 165 3.76 18.28 38.20
CA ASN A 165 5.14 18.03 37.78
C ASN A 165 5.92 17.18 38.77
N ALA A 166 5.41 16.96 39.98
CA ALA A 166 6.05 16.01 40.90
C ALA A 166 6.18 14.62 40.27
N TYR A 167 5.32 14.28 39.32
CA TYR A 167 5.30 12.96 38.69
C TYR A 167 5.93 12.94 37.31
N MET A 168 6.52 14.05 36.85
CA MET A 168 7.01 14.11 35.47
C MET A 168 8.11 13.09 35.21
N GLU A 169 8.79 12.58 36.25
CA GLU A 169 9.75 11.51 36.08
C GLU A 169 9.39 10.28 36.91
N LYS A 170 8.12 10.15 37.29
CA LYS A 170 7.62 9.05 38.09
C LYS A 170 6.39 8.43 37.46
N CYS A 171 6.36 8.35 36.13
CA CYS A 171 5.25 7.69 35.47
C CYS A 171 5.29 6.18 35.69
N ASP A 172 4.13 5.58 35.91
CA ASP A 172 4.06 4.12 36.01
C ASP A 172 2.66 3.68 35.59
N GLU A 173 2.31 2.44 35.91
CA GLU A 173 1.03 1.89 35.45
C GLU A 173 -0.17 2.49 36.17
N ASN A 174 0.05 3.27 37.22
CA ASN A 174 -1.05 3.91 37.95
C ASN A 174 -1.19 5.39 37.68
N ILE A 175 -0.10 6.11 37.40
CA ILE A 175 -0.17 7.55 37.19
C ILE A 175 0.73 7.91 36.02
N LEU A 176 0.19 8.73 35.10
CA LEU A 176 0.91 9.12 33.90
C LEU A 176 0.92 10.63 33.81
N TRP A 177 2.11 11.22 33.84
CA TRP A 177 2.27 12.65 33.65
C TRP A 177 2.38 12.96 32.16
N LEU A 178 1.78 14.07 31.73
CA LEU A 178 2.06 14.57 30.39
C LEU A 178 2.14 16.10 30.44
N ASP A 179 2.59 16.69 29.34
CA ASP A 179 3.07 18.07 29.36
C ASP A 179 2.06 19.08 28.83
N TYR A 180 0.84 18.67 28.53
CA TYR A 180 -0.17 19.58 27.98
C TYR A 180 -1.00 20.15 29.13
N LYS A 181 -0.69 21.39 29.53
CA LYS A 181 -1.27 21.95 30.75
C LYS A 181 -2.78 22.20 30.67
N ASN A 182 -3.34 22.37 29.47
N ASN A 182 -3.33 22.34 29.47
CA ASN A 182 -4.78 22.63 29.35
CA ASN A 182 -4.75 22.63 29.29
C ASN A 182 -5.56 21.40 28.88
C ASN A 182 -5.58 21.40 28.94
N ILE A 183 -5.02 20.20 29.07
CA ILE A 183 -5.68 19.00 28.57
C ILE A 183 -7.06 18.83 29.21
N CYS A 184 -7.19 19.14 30.51
CA CYS A 184 -8.49 18.90 31.16
C CYS A 184 -9.59 19.78 30.59
N LYS A 185 -9.24 20.92 29.98
CA LYS A 185 -10.26 21.79 29.40
C LYS A 185 -10.83 21.20 28.12
N VAL A 186 -10.00 20.54 27.31
CA VAL A 186 -10.40 20.19 25.95
C VAL A 186 -10.94 18.76 25.82
N VAL A 187 -10.80 17.93 26.85
CA VAL A 187 -11.35 16.59 26.79
C VAL A 187 -12.59 16.52 27.68
N GLU A 188 -13.35 15.45 27.49
CA GLU A 188 -14.56 15.23 28.27
C GLU A 188 -14.64 13.77 28.66
N VAL A 189 -15.49 13.47 29.64
CA VAL A 189 -15.77 12.08 29.98
C VAL A 189 -16.25 11.35 28.74
N GLY A 190 -15.66 10.20 28.46
CA GLY A 190 -15.96 9.44 27.26
C GLY A 190 -14.97 9.66 26.12
N SER A 191 -14.21 10.75 26.14
CA SER A 191 -13.20 10.98 25.11
CA SER A 191 -13.24 10.94 25.07
C SER A 191 -12.15 9.88 25.14
N LYS A 192 -11.49 9.66 24.00
CA LYS A 192 -10.41 8.71 23.89
C LYS A 192 -9.07 9.44 23.87
N ILE A 193 -8.08 8.86 24.55
CA ILE A 193 -6.72 9.37 24.55
C ILE A 193 -5.82 8.26 24.03
N TYR A 194 -5.00 8.59 23.03
CA TYR A 194 -4.07 7.63 22.46
C TYR A 194 -2.66 7.97 22.89
N VAL A 195 -1.86 6.92 23.14
CA VAL A 195 -0.48 7.07 23.56
C VAL A 195 0.39 6.14 22.73
N ASP A 196 1.56 6.63 22.34
CA ASP A 196 2.61 5.90 21.62
C ASP A 196 2.15 5.39 20.25
N ASP A 197 2.17 6.26 19.24
CA ASP A 197 1.78 5.90 17.88
C ASP A 197 0.35 5.34 17.85
N GLY A 198 -0.48 5.82 18.78
CA GLY A 198 -1.86 5.41 18.83
C GLY A 198 -2.07 3.96 19.23
N LEU A 199 -1.03 3.30 19.75
CA LEU A 199 -1.10 1.89 20.08
C LEU A 199 -1.76 1.64 21.44
N ILE A 200 -1.63 2.56 22.37
CA ILE A 200 -2.32 2.49 23.66
C ILE A 200 -3.52 3.44 23.61
N SER A 201 -4.68 2.97 24.05
CA SER A 201 -5.86 3.81 24.06
C SER A 201 -6.48 3.80 25.45
N LEU A 202 -6.94 4.97 25.86
CA LEU A 202 -7.53 5.21 27.17
C LEU A 202 -8.86 5.89 26.95
N GLN A 203 -9.85 5.55 27.77
CA GLN A 203 -11.11 6.28 27.78
C GLN A 203 -11.21 7.08 29.08
N VAL A 204 -11.53 8.36 28.94
CA VAL A 204 -11.68 9.23 30.10
C VAL A 204 -12.97 8.86 30.83
N LYS A 205 -12.84 8.44 32.07
CA LYS A 205 -13.98 8.11 32.93
C LYS A 205 -14.36 9.24 33.87
N GLN A 206 -13.38 9.93 34.43
CA GLN A 206 -13.62 11.02 35.36
C GLN A 206 -12.65 12.17 35.09
N LYS A 207 -13.17 13.39 35.19
CA LYS A 207 -12.38 14.60 35.04
C LYS A 207 -12.08 15.22 36.40
N GLY A 208 -10.90 15.82 36.51
CA GLY A 208 -10.50 16.51 37.72
C GLY A 208 -9.96 17.89 37.39
N ALA A 209 -9.66 18.64 38.45
CA ALA A 209 -9.09 19.97 38.29
C ALA A 209 -7.83 19.93 37.44
N ASP A 210 -6.88 19.09 37.84
CA ASP A 210 -5.61 18.94 37.13
C ASP A 210 -5.31 17.48 36.85
N PHE A 211 -6.33 16.66 36.62
CA PHE A 211 -6.11 15.25 36.36
C PHE A 211 -7.28 14.66 35.60
N LEU A 212 -7.04 13.50 35.01
CA LEU A 212 -8.07 12.69 34.38
C LEU A 212 -7.97 11.29 34.93
N VAL A 213 -9.12 10.64 35.14
CA VAL A 213 -9.14 9.22 35.49
C VAL A 213 -9.60 8.47 34.25
N THR A 214 -8.75 7.56 33.77
CA THR A 214 -9.03 6.83 32.54
C THR A 214 -9.05 5.33 32.79
N GLU A 215 -9.66 4.61 31.86
CA GLU A 215 -9.63 3.16 31.80
C GLU A 215 -8.89 2.73 30.54
N VAL A 216 -7.94 1.80 30.70
CA VAL A 216 -7.16 1.29 29.57
C VAL A 216 -8.05 0.45 28.67
N GLU A 217 -8.18 0.88 27.40
CA GLU A 217 -8.91 0.11 26.38
C GLU A 217 -7.97 -0.86 25.67
N ASN A 218 -7.08 -0.33 24.83
CA ASN A 218 -5.99 -1.11 24.27
C ASN A 218 -4.77 -0.90 25.16
N GLY A 219 -4.34 -1.98 25.82
CA GLY A 219 -3.16 -1.92 26.66
C GLY A 219 -1.89 -2.17 25.88
N GLY A 220 -0.79 -2.19 26.61
CA GLY A 220 0.51 -2.42 26.01
C GLY A 220 1.61 -1.90 26.91
N SER A 221 2.84 -2.02 26.41
CA SER A 221 4.03 -1.61 27.15
C SER A 221 4.30 -0.13 26.89
N LEU A 222 4.38 0.65 27.97
CA LEU A 222 4.51 2.10 27.89
C LEU A 222 5.91 2.51 28.32
N GLY A 223 6.62 3.19 27.44
CA GLY A 223 7.92 3.77 27.75
C GLY A 223 7.82 5.25 28.01
N SER A 224 8.98 5.91 27.98
CA SER A 224 9.07 7.32 28.36
C SER A 224 8.86 8.25 27.17
N LYS A 225 8.24 9.40 27.46
CA LYS A 225 8.20 10.52 26.51
C LYS A 225 7.55 10.12 25.19
N LYS A 226 6.41 9.47 25.29
CA LYS A 226 5.68 9.02 24.12
C LYS A 226 4.66 10.04 23.67
N GLY A 227 4.39 10.06 22.37
CA GLY A 227 3.43 11.01 21.83
C GLY A 227 2.00 10.67 22.21
N VAL A 228 1.21 11.72 22.42
CA VAL A 228 -0.18 11.62 22.85
C VAL A 228 -1.07 12.34 21.85
N ASN A 229 -2.20 11.70 21.50
CA ASN A 229 -3.15 12.29 20.57
C ASN A 229 -4.52 12.35 21.19
N LEU A 230 -5.25 13.43 20.92
CA LEU A 230 -6.60 13.64 21.42
C LEU A 230 -7.55 13.84 20.25
N PRO A 231 -7.88 12.76 19.54
CA PRO A 231 -8.77 12.89 18.37
C PRO A 231 -10.10 13.52 18.76
N GLY A 232 -10.59 14.41 17.90
CA GLY A 232 -11.85 15.08 18.17
C GLY A 232 -11.81 16.10 19.29
N ALA A 233 -10.67 16.35 19.91
CA ALA A 233 -10.52 17.44 20.86
C ALA A 233 -9.93 18.65 20.16
N ALA A 234 -10.34 19.83 20.61
CA ALA A 234 -9.83 21.08 20.04
C ALA A 234 -8.59 21.49 20.84
N VAL A 235 -7.44 20.95 20.44
CA VAL A 235 -6.18 21.25 21.13
C VAL A 235 -5.75 22.66 20.77
N ASP A 236 -5.44 23.47 21.79
CA ASP A 236 -5.25 24.90 21.61
C ASP A 236 -3.79 25.32 21.75
N LEU A 237 -2.85 24.38 21.63
CA LEU A 237 -1.44 24.71 21.66
C LEU A 237 -1.07 25.54 20.42
N PRO A 238 -0.07 26.41 20.54
CA PRO A 238 0.31 27.24 19.39
C PRO A 238 0.90 26.40 18.26
N ALA A 239 0.58 26.78 17.03
CA ALA A 239 1.21 26.11 15.89
C ALA A 239 2.71 26.23 15.97
N VAL A 240 3.20 27.39 16.36
CA VAL A 240 4.62 27.68 16.48
C VAL A 240 4.76 28.29 17.86
N SER A 241 5.27 27.51 18.82
CA SER A 241 5.48 28.01 20.17
C SER A 241 6.75 28.84 20.24
N GLU A 242 6.97 29.45 21.41
CA GLU A 242 8.23 30.16 21.66
C GLU A 242 9.43 29.26 21.45
N LYS A 243 9.37 28.04 21.96
CA LYS A 243 10.48 27.12 21.72
C LYS A 243 10.61 26.73 20.26
N ASP A 244 9.50 26.62 19.53
CA ASP A 244 9.60 26.34 18.09
C ASP A 244 10.32 27.48 17.39
N ILE A 245 10.02 28.72 17.77
CA ILE A 245 10.69 29.86 17.15
C ILE A 245 12.19 29.78 17.38
N GLN A 246 12.60 29.40 18.60
CA GLN A 246 14.03 29.22 18.86
C GLN A 246 14.64 28.19 17.93
N ASP A 247 13.91 27.10 17.65
CA ASP A 247 14.41 26.11 16.69
C ASP A 247 14.49 26.69 15.28
N LEU A 248 13.47 27.45 14.87
CA LEU A 248 13.49 28.01 13.52
C LEU A 248 14.64 28.99 13.36
N LYS A 249 14.87 29.82 14.39
CA LYS A 249 16.01 30.75 14.33
CA LYS A 249 15.99 30.76 14.30
C LYS A 249 17.31 30.00 14.17
N PHE A 250 17.47 28.92 14.91
CA PHE A 250 18.64 28.05 14.78
C PHE A 250 18.73 27.51 13.35
N GLY A 251 17.59 27.11 12.79
CA GLY A 251 17.59 26.62 11.41
C GLY A 251 18.09 27.66 10.42
N VAL A 252 17.69 28.92 10.62
CA VAL A 252 18.21 29.96 9.74
C VAL A 252 19.72 30.12 9.93
N GLU A 253 20.18 30.11 11.19
CA GLU A 253 21.62 30.20 11.45
C GLU A 253 22.39 29.07 10.78
N GLN A 254 21.79 27.88 10.74
CA GLN A 254 22.41 26.69 10.18
C GLN A 254 22.21 26.59 8.67
N ASP A 255 21.50 27.54 8.07
CA ASP A 255 21.35 27.63 6.61
C ASP A 255 20.57 26.43 6.08
N VAL A 256 19.52 26.01 6.80
CA VAL A 256 18.72 24.90 6.28
C VAL A 256 17.98 25.33 5.02
N ASP A 257 17.55 24.34 4.24
CA ASP A 257 16.93 24.59 2.95
C ASP A 257 15.43 24.67 3.03
N MET A 258 14.83 24.02 4.01
CA MET A 258 13.39 23.92 4.07
C MET A 258 12.99 23.59 5.51
N VAL A 259 11.75 23.95 5.84
CA VAL A 259 11.13 23.63 7.12
C VAL A 259 9.93 22.73 6.84
N PHE A 260 9.83 21.62 7.57
CA PHE A 260 8.61 20.82 7.60
C PHE A 260 7.90 21.20 8.89
N ALA A 261 6.81 21.94 8.75
CA ALA A 261 6.12 22.53 9.90
C ALA A 261 5.03 21.59 10.40
N SER A 262 5.20 21.11 11.63
CA SER A 262 4.29 20.12 12.18
C SER A 262 2.92 20.71 12.55
N PHE A 263 1.88 19.90 12.33
CA PHE A 263 0.50 20.16 12.79
C PHE A 263 -0.09 21.47 12.27
N ILE A 264 0.20 21.82 11.02
CA ILE A 264 -0.37 23.04 10.46
C ILE A 264 -1.87 22.86 10.33
N ARG A 265 -2.64 23.81 10.88
CA ARG A 265 -4.10 23.73 10.92
C ARG A 265 -4.81 24.76 10.04
N LYS A 266 -4.12 25.80 9.59
CA LYS A 266 -4.77 26.93 8.94
C LYS A 266 -3.70 27.79 8.31
N ALA A 267 -4.13 28.65 7.37
CA ALA A 267 -3.16 29.44 6.62
C ALA A 267 -2.30 30.29 7.56
N SER A 268 -2.90 30.86 8.60
CA SER A 268 -2.12 31.75 9.46
C SER A 268 -1.00 31.02 10.19
N ASP A 269 -1.14 29.71 10.43
CA ASP A 269 -0.02 28.95 10.98
C ASP A 269 1.18 28.97 10.04
N VAL A 270 0.93 28.84 8.73
CA VAL A 270 2.03 28.89 7.79
C VAL A 270 2.74 30.24 7.88
N HIS A 271 1.97 31.32 7.98
CA HIS A 271 2.56 32.66 8.09
C HIS A 271 3.39 32.80 9.36
N GLU A 272 2.96 32.19 10.46
CA GLU A 272 3.74 32.26 11.68
C GLU A 272 5.11 31.62 11.48
N VAL A 273 5.18 30.53 10.70
CA VAL A 273 6.46 29.93 10.37
C VAL A 273 7.25 30.84 9.45
N ARG A 274 6.65 31.29 8.34
CA ARG A 274 7.42 31.99 7.33
CA ARG A 274 7.41 31.99 7.32
C ARG A 274 7.91 33.35 7.83
N LYS A 275 7.03 34.12 8.47
CA LYS A 275 7.41 35.48 8.83
C LYS A 275 8.50 35.50 9.89
N VAL A 276 8.53 34.51 10.79
CA VAL A 276 9.51 34.60 11.86
C VAL A 276 10.90 34.27 11.36
N LEU A 277 11.02 33.67 10.17
CA LEU A 277 12.35 33.42 9.64
C LEU A 277 13.04 34.69 9.21
N GLY A 278 12.31 35.80 9.08
CA GLY A 278 12.91 37.07 8.76
C GLY A 278 13.37 37.15 7.32
N GLU A 279 13.98 38.29 7.01
CA GLU A 279 14.53 38.50 5.66
C GLU A 279 15.62 37.47 5.36
N LYS A 280 16.43 37.16 6.37
CA LYS A 280 17.54 36.23 6.18
C LYS A 280 17.04 34.85 5.77
N GLY A 281 15.86 34.47 6.23
CA GLY A 281 15.33 33.15 5.94
C GLY A 281 14.27 33.12 4.84
N LYS A 282 14.15 34.21 4.06
CA LYS A 282 13.02 34.33 3.16
C LYS A 282 13.04 33.31 2.02
N ASN A 283 14.20 32.71 1.70
CA ASN A 283 14.26 31.74 0.61
C ASN A 283 14.11 30.31 1.09
N ILE A 284 13.94 30.10 2.40
CA ILE A 284 13.74 28.75 2.93
C ILE A 284 12.34 28.26 2.56
N LYS A 285 12.25 27.06 2.01
CA LYS A 285 10.94 26.55 1.60
C LYS A 285 10.13 26.09 2.80
N ILE A 286 8.84 26.43 2.81
CA ILE A 286 7.94 26.10 3.92
C ILE A 286 7.00 24.99 3.46
N ILE A 287 7.16 23.81 4.06
CA ILE A 287 6.34 22.64 3.77
C ILE A 287 5.39 22.43 4.95
N SER A 288 4.09 22.57 4.73
CA SER A 288 3.16 22.34 5.82
C SER A 288 2.87 20.87 5.96
N LYS A 289 3.03 20.35 7.19
CA LYS A 289 2.67 18.97 7.50
C LYS A 289 1.19 18.92 7.87
N ILE A 290 0.43 18.07 7.17
CA ILE A 290 -0.98 17.88 7.44
C ILE A 290 -1.13 16.60 8.23
N GLU A 291 -1.53 16.73 9.50
CA GLU A 291 -1.58 15.55 10.36
C GLU A 291 -2.71 15.64 11.37
N ASN A 292 -3.71 16.48 11.11
CA ASN A 292 -4.92 16.46 11.93
C ASN A 292 -6.13 16.79 11.06
N HIS A 293 -7.30 16.64 11.67
CA HIS A 293 -8.54 16.80 10.92
CA HIS A 293 -8.52 16.80 10.90
C HIS A 293 -8.68 18.23 10.39
N GLU A 294 -8.33 19.22 11.21
CA GLU A 294 -8.52 20.59 10.76
C GLU A 294 -7.59 20.93 9.59
N GLY A 295 -6.35 20.42 9.61
CA GLY A 295 -5.47 20.63 8.48
C GLY A 295 -6.03 20.06 7.18
N VAL A 296 -6.72 18.92 7.27
CA VAL A 296 -7.37 18.38 6.07
C VAL A 296 -8.52 19.29 5.65
N ARG A 297 -9.36 19.68 6.57
CA ARG A 297 -10.46 20.53 6.24
C ARG A 297 -10.06 21.86 5.62
N ARG A 298 -9.03 22.46 6.16
CA ARG A 298 -8.57 23.76 5.68
C ARG A 298 -7.45 23.61 4.66
N PHE A 299 -7.40 22.49 3.95
CA PHE A 299 -6.23 22.17 3.14
C PHE A 299 -5.98 23.21 2.04
N ASP A 300 -7.04 23.65 1.36
CA ASP A 300 -6.84 24.56 0.23
C ASP A 300 -6.15 25.84 0.68
N GLU A 301 -6.56 26.41 1.82
CA GLU A 301 -5.94 27.65 2.25
C GLU A 301 -4.52 27.40 2.76
N ILE A 302 -4.26 26.24 3.34
CA ILE A 302 -2.90 25.89 3.74
C ILE A 302 -2.02 25.75 2.50
N LEU A 303 -2.51 25.00 1.51
CA LEU A 303 -1.71 24.79 0.31
C LEU A 303 -1.37 26.11 -0.36
N GLU A 304 -2.33 27.06 -0.38
CA GLU A 304 -2.10 28.34 -1.05
C GLU A 304 -0.99 29.10 -0.36
N ALA A 305 -0.94 29.04 0.97
CA ALA A 305 0.06 29.77 1.75
C ALA A 305 1.41 29.07 1.78
N SER A 306 1.46 27.78 1.44
CA SER A 306 2.66 26.98 1.61
C SER A 306 3.45 26.87 0.32
N ASP A 307 4.73 26.51 0.45
CA ASP A 307 5.51 26.14 -0.72
C ASP A 307 5.26 24.70 -1.14
N GLY A 308 4.91 23.84 -0.18
CA GLY A 308 4.65 22.43 -0.45
C GLY A 308 4.00 21.81 0.77
N ILE A 309 3.71 20.52 0.67
CA ILE A 309 2.88 19.81 1.65
C ILE A 309 3.55 18.50 2.02
N MET A 310 3.45 18.10 3.29
CA MET A 310 3.74 16.73 3.68
C MET A 310 2.46 16.06 4.18
N VAL A 311 2.15 14.89 3.62
CA VAL A 311 1.10 14.02 4.14
C VAL A 311 1.74 13.27 5.29
N ALA A 312 1.51 13.74 6.51
CA ALA A 312 2.24 13.28 7.68
C ALA A 312 1.40 12.20 8.35
N ARG A 313 1.54 10.97 7.84
CA ARG A 313 0.49 9.99 8.08
C ARG A 313 0.52 9.40 9.47
N GLY A 314 1.63 9.55 10.19
CA GLY A 314 1.71 9.01 11.55
C GLY A 314 0.67 9.64 12.44
N ASP A 315 0.80 10.95 12.71
CA ASP A 315 -0.25 11.61 13.49
C ASP A 315 -1.60 11.59 12.76
N LEU A 316 -1.57 11.72 11.43
CA LEU A 316 -2.85 11.83 10.73
C LEU A 316 -3.74 10.61 10.97
N GLY A 317 -3.14 9.43 10.94
CA GLY A 317 -3.82 8.17 11.15
C GLY A 317 -4.19 7.86 12.58
N ILE A 318 -3.82 8.72 13.51
CA ILE A 318 -4.35 8.66 14.88
C ILE A 318 -5.43 9.71 15.09
N GLU A 319 -5.25 10.90 14.50
CA GLU A 319 -6.21 12.00 14.64
C GLU A 319 -7.50 11.69 13.90
N ILE A 320 -7.43 11.05 12.75
CA ILE A 320 -8.62 10.57 12.03
C ILE A 320 -8.55 9.06 11.96
N PRO A 321 -9.67 8.40 11.67
CA PRO A 321 -9.66 6.93 11.59
C PRO A 321 -8.63 6.41 10.59
N ALA A 322 -7.95 5.33 10.97
CA ALA A 322 -6.90 4.78 10.11
C ALA A 322 -7.41 4.47 8.72
N GLU A 323 -8.67 4.03 8.62
CA GLU A 323 -9.26 3.64 7.34
C GLU A 323 -9.51 4.83 6.42
N LYS A 324 -9.38 6.07 6.90
CA LYS A 324 -9.60 7.22 6.06
C LYS A 324 -8.33 7.87 5.56
N VAL A 325 -7.16 7.44 6.04
CA VAL A 325 -5.91 8.12 5.68
C VAL A 325 -5.70 8.09 4.17
N PHE A 326 -6.00 6.98 3.51
CA PHE A 326 -5.72 6.92 2.08
C PHE A 326 -6.54 7.95 1.30
N LEU A 327 -7.75 8.27 1.76
CA LEU A 327 -8.54 9.33 1.13
C LEU A 327 -7.82 10.66 1.26
N ALA A 328 -7.36 10.98 2.46
CA ALA A 328 -6.68 12.24 2.69
C ALA A 328 -5.39 12.30 1.88
N GLN A 329 -4.67 11.19 1.81
CA GLN A 329 -3.43 11.16 1.05
C GLN A 329 -3.67 11.41 -0.42
N LYS A 330 -4.65 10.72 -1.01
CA LYS A 330 -4.86 10.90 -2.44
C LYS A 330 -5.47 12.26 -2.75
N MET A 331 -6.34 12.75 -1.86
CA MET A 331 -6.85 14.11 -2.00
C MET A 331 -5.70 15.13 -2.04
N MET A 332 -4.78 15.03 -1.08
CA MET A 332 -3.74 16.05 -1.00
C MET A 332 -2.74 15.92 -2.13
N ILE A 333 -2.35 14.69 -2.49
CA ILE A 333 -1.45 14.53 -3.62
C ILE A 333 -2.11 15.06 -4.87
N GLY A 334 -3.39 14.70 -5.08
CA GLY A 334 -4.10 15.22 -6.24
C GLY A 334 -4.10 16.74 -6.30
N ARG A 335 -4.41 17.38 -5.16
CA ARG A 335 -4.54 18.84 -5.18
C ARG A 335 -3.17 19.51 -5.33
N CYS A 336 -2.14 18.92 -4.73
CA CYS A 336 -0.79 19.45 -4.95
C CYS A 336 -0.36 19.29 -6.40
N ASN A 337 -0.66 18.13 -7.03
CA ASN A 337 -0.34 17.98 -8.45
C ASN A 337 -1.08 19.03 -9.28
N ARG A 338 -2.34 19.30 -8.93
CA ARG A 338 -3.14 20.30 -9.65
CA ARG A 338 -3.12 20.30 -9.67
C ARG A 338 -2.54 21.69 -9.51
N ALA A 339 -1.98 22.00 -8.35
CA ALA A 339 -1.40 23.31 -8.09
C ALA A 339 0.06 23.43 -8.49
N GLY A 340 0.71 22.33 -8.84
CA GLY A 340 2.13 22.36 -9.14
C GLY A 340 3.01 22.59 -7.93
N LYS A 341 2.54 22.18 -6.74
CA LYS A 341 3.40 22.34 -5.56
C LYS A 341 3.82 20.98 -5.03
N PRO A 342 5.05 20.88 -4.53
CA PRO A 342 5.57 19.58 -4.07
C PRO A 342 4.72 18.98 -2.97
N VAL A 343 4.58 17.65 -3.01
CA VAL A 343 3.90 16.92 -1.96
C VAL A 343 4.77 15.73 -1.58
N ILE A 344 4.94 15.52 -0.27
CA ILE A 344 5.72 14.43 0.28
C ILE A 344 4.76 13.41 0.90
N CYS A 345 4.96 12.14 0.59
CA CYS A 345 4.27 11.08 1.32
C CYS A 345 5.21 10.56 2.41
N ALA A 346 4.72 10.52 3.65
CA ALA A 346 5.59 10.23 4.78
C ALA A 346 4.96 9.26 5.76
N THR A 347 5.85 8.47 6.38
CA THR A 347 5.70 7.80 7.67
C THR A 347 5.20 6.36 7.53
N GLN A 348 6.03 5.42 8.03
CA GLN A 348 5.77 3.99 8.09
C GLN A 348 5.71 3.36 6.71
N MET A 349 6.34 3.99 5.71
CA MET A 349 6.31 3.42 4.35
C MET A 349 7.04 2.08 4.30
N LEU A 350 8.14 1.93 5.04
CA LEU A 350 8.93 0.70 5.09
C LEU A 350 9.21 0.31 6.53
N GLU A 351 8.19 0.44 7.37
CA GLU A 351 8.39 0.46 8.82
C GLU A 351 9.05 -0.81 9.33
N SER A 352 8.66 -1.98 8.79
CA SER A 352 9.25 -3.22 9.30
C SER A 352 10.76 -3.28 9.07
N MET A 353 11.31 -2.45 8.18
CA MET A 353 12.74 -2.47 7.92
C MET A 353 13.55 -1.81 9.03
N ILE A 354 12.89 -1.25 10.05
CA ILE A 354 13.61 -0.86 11.26
C ILE A 354 14.33 -2.07 11.84
N LYS A 355 13.72 -3.26 11.73
CA LYS A 355 14.23 -4.48 12.33
C LYS A 355 14.57 -5.59 11.34
N LYS A 356 14.02 -5.55 10.12
N LYS A 356 14.03 -5.54 10.11
CA LYS A 356 14.19 -6.62 9.13
CA LYS A 356 14.19 -6.62 9.14
C LYS A 356 14.86 -6.09 7.86
C LYS A 356 14.84 -6.10 7.86
N PRO A 357 15.65 -6.92 7.18
CA PRO A 357 16.40 -6.44 6.00
C PRO A 357 15.59 -6.32 4.72
N ARG A 358 14.33 -6.72 4.72
CA ARG A 358 13.48 -6.55 3.55
C ARG A 358 12.09 -6.20 4.04
N PRO A 359 11.30 -5.53 3.21
CA PRO A 359 10.03 -4.98 3.66
C PRO A 359 8.88 -5.98 3.54
N THR A 360 7.78 -5.67 4.20
CA THR A 360 6.59 -6.48 4.02
C THR A 360 5.99 -6.20 2.65
N ARG A 361 5.05 -7.05 2.25
CA ARG A 361 4.40 -6.81 0.96
C ARG A 361 3.53 -5.56 1.00
N ALA A 362 2.93 -5.23 2.17
CA ALA A 362 2.15 -3.99 2.25
C ALA A 362 3.06 -2.78 2.07
N GLU A 363 4.27 -2.88 2.59
CA GLU A 363 5.19 -1.74 2.50
C GLU A 363 5.68 -1.54 1.08
N GLY A 364 6.02 -2.61 0.38
CA GLY A 364 6.37 -2.46 -1.03
C GLY A 364 5.25 -1.83 -1.83
N SER A 365 4.01 -2.26 -1.57
CA SER A 365 2.84 -1.69 -2.21
C SER A 365 2.65 -0.21 -1.87
N ASP A 366 2.82 0.13 -0.59
CA ASP A 366 2.63 1.51 -0.17
C ASP A 366 3.56 2.46 -0.91
N VAL A 367 4.82 2.10 -1.05
CA VAL A 367 5.77 3.01 -1.71
C VAL A 367 5.38 3.15 -3.17
N ALA A 368 5.08 2.02 -3.83
CA ALA A 368 4.71 2.07 -5.23
C ALA A 368 3.47 2.92 -5.44
N ASN A 369 2.46 2.75 -4.58
CA ASN A 369 1.21 3.48 -4.79
C ASN A 369 1.36 4.96 -4.48
N ALA A 370 2.27 5.33 -3.58
CA ALA A 370 2.50 6.76 -3.35
C ALA A 370 3.04 7.42 -4.60
N VAL A 371 3.94 6.73 -5.30
CA VAL A 371 4.48 7.25 -6.55
C VAL A 371 3.39 7.30 -7.63
N LEU A 372 2.62 6.21 -7.75
CA LEU A 372 1.52 6.19 -8.73
C LEU A 372 0.49 7.27 -8.42
N ASP A 373 0.25 7.54 -7.11
CA ASP A 373 -0.64 8.61 -6.70
C ASP A 373 -0.19 9.97 -7.25
N GLY A 374 1.12 10.20 -7.26
CA GLY A 374 1.68 11.45 -7.73
C GLY A 374 2.62 12.12 -6.75
N ALA A 375 3.05 11.42 -5.69
CA ALA A 375 3.91 12.08 -4.69
C ALA A 375 5.23 12.52 -5.32
N ASP A 376 5.64 13.76 -5.02
CA ASP A 376 6.94 14.22 -5.49
C ASP A 376 8.07 13.51 -4.77
N CYS A 377 7.93 13.34 -3.47
CA CYS A 377 8.94 12.73 -2.63
C CYS A 377 8.28 11.68 -1.74
N ILE A 378 9.08 10.70 -1.36
CA ILE A 378 8.72 9.74 -0.32
C ILE A 378 9.75 9.84 0.79
N MET A 379 9.37 9.37 1.98
CA MET A 379 10.18 9.66 3.17
C MET A 379 10.40 8.41 4.00
N LEU A 380 11.51 8.43 4.74
CA LEU A 380 11.87 7.43 5.71
C LEU A 380 12.07 8.13 7.05
N SER A 381 11.56 7.53 8.13
CA SER A 381 11.66 8.12 9.45
C SER A 381 12.47 7.16 10.32
N GLY A 382 11.81 6.34 11.15
CA GLY A 382 12.56 5.37 11.95
C GLY A 382 13.46 4.46 11.14
N GLU A 383 13.04 4.12 9.93
CA GLU A 383 13.83 3.22 9.08
C GLU A 383 15.27 3.71 8.89
N THR A 384 15.48 5.03 8.79
CA THR A 384 16.84 5.54 8.67
C THR A 384 17.37 6.18 9.94
N ALA A 385 16.49 6.70 10.80
CA ALA A 385 16.95 7.42 11.98
C ALA A 385 17.48 6.46 13.03
N LYS A 386 16.80 5.34 13.23
CA LYS A 386 17.01 4.47 14.39
C LYS A 386 17.19 3.01 14.04
N GLY A 387 16.89 2.59 12.82
CA GLY A 387 16.81 1.18 12.50
C GLY A 387 18.13 0.50 12.21
N ASP A 388 18.03 -0.82 12.03
CA ASP A 388 19.18 -1.67 11.80
C ASP A 388 19.56 -1.78 10.34
N TYR A 389 18.72 -1.29 9.42
CA TYR A 389 18.98 -1.43 7.99
C TYR A 389 18.73 -0.12 7.24
N PRO A 390 19.37 0.99 7.66
CA PRO A 390 19.08 2.26 6.98
C PRO A 390 19.44 2.25 5.51
N LEU A 391 20.58 1.68 5.13
CA LEU A 391 20.92 1.71 3.71
C LEU A 391 19.95 0.87 2.89
N GLU A 392 19.56 -0.30 3.41
CA GLU A 392 18.64 -1.14 2.67
C GLU A 392 17.31 -0.43 2.45
N ALA A 393 16.87 0.36 3.43
CA ALA A 393 15.62 1.09 3.31
C ALA A 393 15.70 2.15 2.23
N VAL A 394 16.78 2.93 2.21
CA VAL A 394 16.98 3.90 1.13
C VAL A 394 16.99 3.19 -0.22
N ARG A 395 17.75 2.11 -0.32
CA ARG A 395 17.87 1.39 -1.59
C ARG A 395 16.54 0.87 -2.06
N MET A 396 15.71 0.38 -1.12
CA MET A 396 14.40 -0.16 -1.51
C MET A 396 13.46 0.95 -1.98
N GLN A 397 13.48 2.12 -1.34
CA GLN A 397 12.66 3.21 -1.89
C GLN A 397 13.12 3.59 -3.28
N HIS A 398 14.42 3.60 -3.53
CA HIS A 398 14.92 3.90 -4.87
C HIS A 398 14.41 2.88 -5.88
N LEU A 399 14.52 1.60 -5.55
CA LEU A 399 14.11 0.55 -6.50
C LEU A 399 12.61 0.62 -6.78
N ILE A 400 11.80 0.75 -5.73
CA ILE A 400 10.35 0.75 -5.93
C ILE A 400 9.94 1.98 -6.71
N ALA A 401 10.48 3.14 -6.33
CA ALA A 401 10.15 4.38 -7.03
C ALA A 401 10.36 4.25 -8.53
N ARG A 402 11.50 3.71 -8.92
CA ARG A 402 11.81 3.60 -10.35
C ARG A 402 10.85 2.65 -11.07
N GLU A 403 10.53 1.52 -10.44
CA GLU A 403 9.54 0.62 -11.04
C GLU A 403 8.19 1.29 -11.17
N ALA A 404 7.76 2.04 -10.14
CA ALA A 404 6.44 2.65 -10.18
C ALA A 404 6.39 3.78 -11.18
N GLU A 405 7.49 4.53 -11.30
CA GLU A 405 7.53 5.64 -12.26
C GLU A 405 7.26 5.14 -13.67
N ALA A 406 7.77 3.97 -14.02
CA ALA A 406 7.53 3.40 -15.36
C ALA A 406 6.08 2.99 -15.55
N ALA A 407 5.40 2.63 -14.45
CA ALA A 407 4.05 2.10 -14.47
C ALA A 407 2.98 3.19 -14.53
N ILE A 408 3.37 4.44 -14.26
CA ILE A 408 2.43 5.55 -14.33
C ILE A 408 1.80 5.58 -15.72
N TYR A 409 0.49 5.82 -15.77
CA TYR A 409 -0.21 5.89 -17.06
C TYR A 409 -0.11 7.34 -17.55
N HIS A 410 1.05 7.67 -18.11
CA HIS A 410 1.30 9.05 -18.53
C HIS A 410 0.30 9.55 -19.55
N LEU A 411 -0.25 8.65 -20.39
CA LEU A 411 -1.16 9.10 -21.44
C LEU A 411 -2.37 9.82 -20.84
N GLN A 412 -2.93 9.26 -19.76
CA GLN A 412 -4.04 9.93 -19.09
C GLN A 412 -3.57 11.07 -18.20
N LEU A 413 -2.51 10.85 -17.43
CA LEU A 413 -2.05 11.88 -16.49
C LEU A 413 -1.72 13.18 -17.20
N PHE A 414 -0.96 13.10 -18.29
CA PHE A 414 -0.56 14.32 -18.97
C PHE A 414 -1.76 15.01 -19.58
N GLU A 415 -2.70 14.24 -20.13
CA GLU A 415 -3.91 14.85 -20.68
C GLU A 415 -4.69 15.60 -19.61
N GLU A 416 -4.81 15.01 -18.42
CA GLU A 416 -5.59 15.65 -17.36
C GLU A 416 -4.86 16.85 -16.76
N LEU A 417 -3.54 16.76 -16.59
CA LEU A 417 -2.82 17.91 -16.02
C LEU A 417 -2.99 19.14 -16.88
N ARG A 418 -2.89 18.98 -18.20
CA ARG A 418 -3.11 20.10 -19.11
C ARG A 418 -4.51 20.66 -18.97
N ARG A 419 -5.53 19.80 -19.08
CA ARG A 419 -6.90 20.28 -19.06
C ARG A 419 -7.23 21.00 -17.76
N LEU A 420 -6.61 20.57 -16.66
CA LEU A 420 -6.80 21.20 -15.37
C LEU A 420 -5.84 22.35 -15.13
N ALA A 421 -5.13 22.79 -16.18
CA ALA A 421 -4.16 23.86 -16.13
C ALA A 421 -4.65 25.04 -16.95
N PRO A 422 -4.72 26.23 -16.36
CA PRO A 422 -5.36 27.36 -17.04
C PRO A 422 -4.57 27.87 -18.22
N ILE A 423 -5.30 28.39 -19.21
CA ILE A 423 -4.69 29.27 -20.21
C ILE A 423 -4.22 30.53 -19.50
N THR A 424 -2.93 30.84 -19.62
CA THR A 424 -2.42 32.11 -19.16
C THR A 424 -1.56 32.73 -20.25
N SER A 425 -1.34 34.02 -20.12
CA SER A 425 -0.44 34.69 -21.04
C SER A 425 1.01 34.50 -20.65
N ASP A 426 1.30 33.72 -19.62
CA ASP A 426 2.69 33.55 -19.18
C ASP A 426 3.45 32.75 -20.23
N PRO A 427 4.38 33.36 -20.97
CA PRO A 427 5.12 32.59 -21.97
C PRO A 427 5.91 31.45 -21.36
N THR A 428 6.34 31.55 -20.10
CA THR A 428 7.19 30.49 -19.55
C THR A 428 6.38 29.22 -19.30
N GLU A 429 5.10 29.34 -18.95
CA GLU A 429 4.27 28.16 -18.81
CA GLU A 429 4.25 28.17 -18.81
C GLU A 429 4.01 27.49 -20.15
N ALA A 430 3.86 28.29 -21.21
CA ALA A 430 3.67 27.69 -22.54
C ALA A 430 4.95 26.96 -22.97
N THR A 431 6.11 27.52 -22.65
CA THR A 431 7.36 26.81 -22.94
C THR A 431 7.43 25.48 -22.20
N ALA A 432 7.03 25.46 -20.94
CA ALA A 432 7.17 24.24 -20.15
C ALA A 432 6.25 23.15 -20.66
N VAL A 433 4.99 23.47 -20.95
CA VAL A 433 4.10 22.42 -21.43
C VAL A 433 4.51 21.97 -22.82
N GLY A 434 5.01 22.88 -23.66
CA GLY A 434 5.49 22.47 -24.97
C GLY A 434 6.70 21.57 -24.87
N ALA A 435 7.57 21.83 -23.90
CA ALA A 435 8.73 20.97 -23.69
C ALA A 435 8.32 19.58 -23.25
N VAL A 436 7.35 19.49 -22.34
CA VAL A 436 6.95 18.18 -21.87
C VAL A 436 6.20 17.45 -22.99
N GLU A 437 5.38 18.17 -23.72
CA GLU A 437 4.72 17.58 -24.89
C GLU A 437 5.74 17.05 -25.87
N ALA A 438 6.74 17.86 -26.20
CA ALA A 438 7.81 17.40 -27.10
C ALA A 438 8.53 16.18 -26.52
N SER A 439 8.76 16.18 -25.21
CA SER A 439 9.47 15.06 -24.59
CA SER A 439 9.49 15.06 -24.62
C SER A 439 8.70 13.76 -24.77
N PHE A 440 7.37 13.82 -24.66
CA PHE A 440 6.58 12.61 -24.88
C PHE A 440 6.59 12.21 -26.34
N LYS A 441 6.55 13.20 -27.24
N LYS A 441 6.53 13.20 -27.24
CA LYS A 441 6.44 12.92 -28.67
CA LYS A 441 6.45 12.91 -28.66
C LYS A 441 7.68 12.19 -29.18
C LYS A 441 7.68 12.16 -29.16
N CYS A 442 8.87 12.56 -28.71
CA CYS A 442 10.11 11.94 -29.17
C CYS A 442 10.72 10.97 -28.15
N CYS A 443 10.00 10.64 -27.07
CA CYS A 443 10.52 9.77 -26.02
CA CYS A 443 10.53 9.75 -26.03
C CYS A 443 11.93 10.17 -25.62
N SER A 444 12.06 11.44 -25.23
CA SER A 444 13.40 11.98 -25.02
C SER A 444 14.09 11.35 -23.80
N GLY A 445 15.42 11.41 -23.82
CA GLY A 445 16.18 10.87 -22.70
C GLY A 445 16.23 11.78 -21.50
N ALA A 446 15.92 13.06 -21.68
CA ALA A 446 15.98 14.02 -20.58
C ALA A 446 15.39 15.33 -21.07
N ILE A 447 14.99 16.14 -20.12
CA ILE A 447 14.73 17.56 -20.35
C ILE A 447 15.79 18.29 -19.55
N ILE A 448 16.69 18.97 -20.23
CA ILE A 448 17.75 19.74 -19.57
C ILE A 448 17.25 21.17 -19.42
N VAL A 449 17.34 21.73 -18.21
CA VAL A 449 16.81 23.05 -17.93
CA VAL A 449 16.81 23.05 -17.94
C VAL A 449 17.88 23.87 -17.21
N LEU A 450 18.19 25.04 -17.75
CA LEU A 450 19.14 25.93 -17.12
C LEU A 450 18.36 26.90 -16.23
N THR A 451 18.62 26.86 -14.92
CA THR A 451 17.75 27.56 -14.00
C THR A 451 18.57 28.18 -12.86
N LYS A 452 18.20 29.40 -12.49
CA LYS A 452 18.87 30.08 -11.39
C LYS A 452 18.12 29.88 -10.08
N SER A 453 16.82 30.17 -10.09
CA SER A 453 15.98 30.06 -8.90
C SER A 453 15.33 28.70 -8.76
N GLY A 454 15.31 27.91 -9.83
CA GLY A 454 14.58 26.66 -9.87
C GLY A 454 13.28 26.75 -10.65
N ARG A 455 12.75 27.96 -10.83
CA ARG A 455 11.39 28.13 -11.31
C ARG A 455 11.15 27.39 -12.63
N TYR A 456 12.03 27.58 -13.61
CA TYR A 456 11.81 26.96 -14.91
C TYR A 456 11.71 25.44 -14.79
N ALA A 457 12.56 24.84 -13.95
CA ALA A 457 12.49 23.39 -13.75
C ALA A 457 11.21 22.98 -13.04
N HIS A 458 10.76 23.77 -12.05
CA HIS A 458 9.48 23.48 -11.40
C HIS A 458 8.35 23.47 -12.40
N GLN A 459 8.37 24.41 -13.35
CA GLN A 459 7.29 24.52 -14.32
C GLN A 459 7.23 23.28 -15.22
N VAL A 460 8.39 22.70 -15.53
CA VAL A 460 8.42 21.45 -16.29
C VAL A 460 7.93 20.28 -15.44
N ALA A 461 8.43 20.19 -14.20
CA ALA A 461 8.07 19.07 -13.34
C ALA A 461 6.56 18.98 -13.12
N ARG A 462 5.87 20.11 -13.11
CA ARG A 462 4.44 20.03 -12.81
C ARG A 462 3.67 19.32 -13.92
N TYR A 463 4.21 19.20 -15.12
CA TYR A 463 3.51 18.43 -16.16
C TYR A 463 3.94 16.98 -16.21
N ARG A 464 4.80 16.58 -15.28
CA ARG A 464 5.12 15.17 -15.01
C ARG A 464 5.62 14.41 -16.24
N PRO A 465 6.69 14.87 -16.87
CA PRO A 465 7.31 14.07 -17.93
C PRO A 465 7.82 12.74 -17.40
N ARG A 466 7.86 11.77 -18.30
CA ARG A 466 8.52 10.51 -17.97
CA ARG A 466 8.52 10.50 -17.99
C ARG A 466 10.04 10.70 -17.88
N ALA A 467 10.59 11.54 -18.75
CA ALA A 467 12.03 11.74 -18.79
C ALA A 467 12.50 12.54 -17.58
N PRO A 468 13.70 12.24 -17.09
CA PRO A 468 14.26 13.04 -15.99
C PRO A 468 14.53 14.47 -16.43
N ILE A 469 14.45 15.39 -15.47
CA ILE A 469 14.70 16.81 -15.69
C ILE A 469 16.06 17.14 -15.10
N ILE A 470 17.07 17.32 -15.94
CA ILE A 470 18.39 17.68 -15.44
C ILE A 470 18.44 19.19 -15.28
N ALA A 471 18.39 19.67 -14.04
CA ALA A 471 18.33 21.11 -13.78
C ALA A 471 19.74 21.58 -13.46
N VAL A 472 20.32 22.38 -14.36
CA VAL A 472 21.67 22.90 -14.18
C VAL A 472 21.55 24.28 -13.56
N THR A 473 22.22 24.47 -12.43
CA THR A 473 22.19 25.74 -11.72
C THR A 473 23.58 26.01 -11.14
N ARG A 474 23.90 27.29 -10.98
CA ARG A 474 25.06 27.67 -10.19
C ARG A 474 24.70 28.05 -8.76
N ASN A 475 23.41 28.08 -8.44
CA ASN A 475 22.95 28.47 -7.10
C ASN A 475 22.90 27.24 -6.22
N PRO A 476 23.77 27.12 -5.19
CA PRO A 476 23.79 25.88 -4.39
C PRO A 476 22.48 25.61 -3.67
N GLN A 477 21.79 26.64 -3.19
CA GLN A 477 20.51 26.41 -2.52
C GLN A 477 19.45 25.92 -3.50
N THR A 478 19.40 26.51 -4.69
CA THR A 478 18.50 26.00 -5.73
C THR A 478 18.74 24.51 -5.95
N ALA A 479 20.01 24.11 -6.08
CA ALA A 479 20.32 22.71 -6.32
C ALA A 479 19.79 21.83 -5.20
N ARG A 480 19.88 22.30 -3.95
CA ARG A 480 19.38 21.47 -2.84
C ARG A 480 17.85 21.43 -2.80
N GLN A 481 17.20 22.58 -2.98
CA GLN A 481 15.75 22.65 -2.86
C GLN A 481 15.03 21.97 -4.01
N ALA A 482 15.71 21.81 -5.15
CA ALA A 482 15.09 21.21 -6.33
C ALA A 482 14.61 19.79 -6.08
N HIS A 483 15.18 19.09 -5.09
CA HIS A 483 14.77 17.71 -4.80
C HIS A 483 13.32 17.59 -4.37
N LEU A 484 12.69 18.70 -3.98
CA LEU A 484 11.29 18.62 -3.58
C LEU A 484 10.38 18.23 -4.73
N TYR A 485 10.82 18.37 -5.99
CA TYR A 485 9.97 18.14 -7.16
C TYR A 485 10.26 16.81 -7.84
N ARG A 486 9.19 16.09 -8.16
CA ARG A 486 9.33 14.88 -8.97
C ARG A 486 10.16 15.14 -10.22
N GLY A 487 11.20 14.34 -10.40
CA GLY A 487 11.90 14.31 -11.66
C GLY A 487 13.04 15.28 -11.79
N ILE A 488 13.15 16.28 -10.91
CA ILE A 488 14.24 17.24 -11.05
C ILE A 488 15.49 16.63 -10.45
N PHE A 489 16.49 16.40 -11.30
CA PHE A 489 17.79 15.88 -10.92
C PHE A 489 18.74 17.06 -10.96
N PRO A 490 19.00 17.72 -9.83
CA PRO A 490 19.80 18.95 -9.88
C PRO A 490 21.28 18.63 -10.04
N VAL A 491 21.96 19.46 -10.83
CA VAL A 491 23.41 19.39 -10.93
C VAL A 491 23.94 20.80 -10.72
N LEU A 492 24.99 20.90 -9.91
CA LEU A 492 25.55 22.18 -9.50
C LEU A 492 26.76 22.49 -10.35
N CYS A 493 26.62 23.49 -11.21
CA CYS A 493 27.72 23.94 -12.05
C CYS A 493 28.66 24.84 -11.25
N LYS A 494 29.95 24.49 -11.26
CA LYS A 494 30.96 25.23 -10.52
C LYS A 494 31.84 26.11 -11.40
N ASP A 495 31.61 26.12 -12.71
CA ASP A 495 32.47 26.89 -13.60
C ASP A 495 32.15 28.38 -13.50
N PRO A 496 33.16 29.23 -13.70
CA PRO A 496 32.89 30.67 -13.78
C PRO A 496 31.94 31.00 -14.93
N VAL A 497 31.17 32.07 -14.72
CA VAL A 497 30.33 32.60 -15.79
C VAL A 497 31.20 33.05 -16.95
N GLN A 498 30.90 32.57 -18.15
CA GLN A 498 31.59 33.07 -19.33
C GLN A 498 31.00 34.41 -19.73
N GLU A 499 31.86 35.31 -20.23
CA GLU A 499 31.41 36.66 -20.59
C GLU A 499 30.41 36.61 -21.75
N ALA A 500 30.66 35.75 -22.73
CA ALA A 500 29.73 35.58 -23.84
C ALA A 500 28.59 34.66 -23.39
N TRP A 501 27.35 35.14 -23.49
CA TRP A 501 26.21 34.40 -22.97
C TRP A 501 26.06 33.05 -23.67
N ALA A 502 26.15 33.04 -24.99
CA ALA A 502 26.02 31.78 -25.74
C ALA A 502 27.08 30.78 -25.32
N GLU A 503 28.29 31.25 -25.03
CA GLU A 503 29.33 30.34 -24.55
C GLU A 503 29.02 29.83 -23.16
N ASP A 504 28.42 30.69 -22.32
CA ASP A 504 28.04 30.26 -20.98
C ASP A 504 26.91 29.23 -21.04
N VAL A 505 25.96 29.42 -21.94
CA VAL A 505 24.90 28.43 -22.13
C VAL A 505 25.50 27.10 -22.58
N ASP A 506 26.37 27.14 -23.59
CA ASP A 506 26.98 25.92 -24.09
C ASP A 506 27.72 25.18 -22.99
N LEU A 507 28.40 25.92 -22.12
CA LEU A 507 29.13 25.28 -21.03
C LEU A 507 28.17 24.53 -20.13
N ARG A 508 27.05 25.15 -19.77
CA ARG A 508 26.11 24.53 -18.85
C ARG A 508 25.38 23.37 -19.51
N VAL A 509 25.03 23.51 -20.80
CA VAL A 509 24.39 22.40 -21.50
C VAL A 509 25.35 21.21 -21.60
N ASN A 510 26.61 21.48 -21.96
CA ASN A 510 27.59 20.41 -22.08
C ASN A 510 27.77 19.69 -20.76
N PHE A 511 27.73 20.44 -19.65
CA PHE A 511 27.78 19.85 -18.31
C PHE A 511 26.63 18.86 -18.11
N ALA A 512 25.40 19.27 -18.44
CA ALA A 512 24.27 18.36 -18.31
C ALA A 512 24.43 17.14 -19.21
N MET A 513 24.93 17.33 -20.45
CA MET A 513 25.15 16.19 -21.33
C MET A 513 26.13 15.21 -20.70
N ASN A 514 27.21 15.72 -20.11
CA ASN A 514 28.19 14.84 -19.48
C ASN A 514 27.61 14.13 -18.27
N VAL A 515 26.77 14.82 -17.48
CA VAL A 515 26.12 14.16 -16.34
C VAL A 515 25.24 13.02 -16.82
N GLY A 516 24.41 13.29 -17.83
CA GLY A 516 23.48 12.29 -18.28
C GLY A 516 24.17 11.07 -18.88
N LYS A 517 25.26 11.31 -19.62
CA LYS A 517 26.02 10.18 -20.13
C LYS A 517 26.67 9.39 -18.99
N ALA A 518 27.26 10.10 -18.02
CA ALA A 518 27.95 9.42 -16.91
C ALA A 518 26.97 8.64 -16.06
N ARG A 519 25.77 9.17 -15.84
CA ARG A 519 24.76 8.52 -15.02
CA ARG A 519 24.75 8.53 -15.02
C ARG A 519 23.95 7.47 -15.77
N GLY A 520 24.16 7.32 -17.08
CA GLY A 520 23.43 6.36 -17.85
C GLY A 520 22.03 6.76 -18.21
N PHE A 521 21.69 8.06 -18.12
CA PHE A 521 20.35 8.49 -18.50
C PHE A 521 20.17 8.46 -20.01
N PHE A 522 21.24 8.73 -20.76
CA PHE A 522 21.16 8.71 -22.21
C PHE A 522 22.56 8.50 -22.76
N LYS A 523 22.63 8.30 -24.07
CA LYS A 523 23.87 8.04 -24.79
C LYS A 523 23.99 9.01 -25.95
N LYS A 524 25.21 9.11 -26.48
CA LYS A 524 25.45 9.83 -27.72
C LYS A 524 24.41 9.44 -28.77
N GLY A 525 23.80 10.44 -29.40
CA GLY A 525 22.84 10.22 -30.45
C GLY A 525 21.41 10.17 -30.00
N ASP A 526 21.15 9.95 -28.71
CA ASP A 526 19.78 10.02 -28.18
C ASP A 526 19.25 11.45 -28.33
N VAL A 527 17.93 11.58 -28.33
CA VAL A 527 17.31 12.89 -28.42
C VAL A 527 17.01 13.40 -27.00
N VAL A 528 17.34 14.66 -26.74
CA VAL A 528 16.95 15.31 -25.49
C VAL A 528 16.34 16.68 -25.79
N ILE A 529 15.67 17.22 -24.79
CA ILE A 529 15.09 18.55 -24.87
C ILE A 529 15.99 19.46 -24.06
N VAL A 530 16.30 20.64 -24.58
CA VAL A 530 17.12 21.61 -23.85
C VAL A 530 16.36 22.94 -23.75
N LEU A 531 16.23 23.44 -22.51
CA LEU A 531 15.61 24.72 -22.19
C LEU A 531 16.69 25.64 -21.64
N THR A 532 17.06 26.69 -22.38
CA THR A 532 18.31 27.38 -22.08
C THR A 532 18.19 28.52 -21.08
N GLY A 533 17.02 28.70 -20.48
CA GLY A 533 16.92 29.58 -19.33
C GLY A 533 16.96 31.06 -19.70
N TRP A 534 17.28 31.88 -18.70
CA TRP A 534 17.21 33.32 -18.86
C TRP A 534 18.26 33.81 -19.87
N ARG A 535 17.82 34.69 -20.77
CA ARG A 535 18.68 35.35 -21.75
C ARG A 535 18.58 36.86 -21.60
N PRO A 536 19.70 37.57 -21.44
CA PRO A 536 19.67 39.03 -21.32
C PRO A 536 19.30 39.72 -22.64
N PHE A 540 12.17 37.29 -25.43
CA PHE A 540 11.85 35.90 -25.12
C PHE A 540 12.79 35.32 -24.08
N THR A 541 12.37 34.21 -23.45
CA THR A 541 13.22 33.54 -22.49
C THR A 541 12.99 32.03 -22.61
N ASN A 542 13.96 31.26 -22.12
CA ASN A 542 13.85 29.81 -22.03
C ASN A 542 13.47 29.20 -23.38
N THR A 543 14.26 29.55 -24.40
CA THR A 543 14.19 28.87 -25.69
C THR A 543 14.23 27.36 -25.50
N MET A 544 13.46 26.64 -26.31
CA MET A 544 13.50 25.18 -26.32
C MET A 544 14.21 24.70 -27.58
N ARG A 545 15.10 23.72 -27.41
CA ARG A 545 15.72 23.03 -28.54
C ARG A 545 15.60 21.53 -28.34
N VAL A 546 15.33 20.80 -29.42
CA VAL A 546 15.24 19.34 -29.40
C VAL A 546 16.44 18.85 -30.21
N VAL A 547 17.39 18.20 -29.54
CA VAL A 547 18.70 17.95 -30.16
C VAL A 547 19.14 16.53 -29.87
N PRO A 548 19.98 15.98 -30.76
CA PRO A 548 20.69 14.75 -30.42
C PRO A 548 21.82 15.01 -29.44
N VAL A 549 22.10 14.03 -28.60
CA VAL A 549 23.15 14.14 -27.60
C VAL A 549 24.51 14.10 -28.31
N PRO A 550 25.37 15.11 -28.14
CA PRO A 550 26.67 15.15 -28.79
C PRO A 550 27.68 14.26 -28.08
N ILE B 32 -19.77 16.18 2.76
CA ILE B 32 -21.05 16.76 2.38
C ILE B 32 -21.96 15.69 1.79
N GLN B 33 -21.82 15.45 0.48
CA GLN B 33 -22.43 14.28 -0.12
C GLN B 33 -21.76 13.03 0.43
N THR B 34 -22.58 12.04 0.75
CA THR B 34 -22.06 10.77 1.25
C THR B 34 -21.43 9.98 0.11
N GLN B 35 -20.79 8.86 0.47
CA GLN B 35 -20.36 7.84 -0.49
C GLN B 35 -19.38 8.38 -1.52
N GLN B 36 -18.64 9.44 -1.20
CA GLN B 36 -17.76 10.09 -2.17
C GLN B 36 -18.48 10.41 -3.48
N LEU B 37 -19.75 10.80 -3.38
CA LEU B 37 -20.48 11.06 -4.61
C LEU B 37 -19.97 12.31 -5.32
N HIS B 38 -19.43 13.29 -4.59
CA HIS B 38 -18.84 14.43 -5.29
C HIS B 38 -17.66 13.98 -6.14
N ALA B 39 -16.78 13.16 -5.57
CA ALA B 39 -15.65 12.63 -6.34
C ALA B 39 -16.14 11.75 -7.48
N ALA B 40 -17.29 11.08 -7.30
CA ALA B 40 -17.78 10.17 -8.31
C ALA B 40 -18.19 10.90 -9.58
N MET B 41 -18.56 12.18 -9.46
CA MET B 41 -19.01 12.97 -10.60
CA MET B 41 -19.01 12.99 -10.58
C MET B 41 -17.89 13.73 -11.30
N ALA B 42 -16.64 13.58 -10.87
CA ALA B 42 -15.54 14.28 -11.51
C ALA B 42 -15.36 13.83 -12.96
N ASP B 43 -14.95 14.77 -13.81
CA ASP B 43 -14.74 14.51 -15.22
C ASP B 43 -13.37 13.94 -15.54
N THR B 44 -12.41 14.00 -14.60
CA THR B 44 -11.07 13.46 -14.77
C THR B 44 -10.73 12.62 -13.55
N PHE B 45 -9.79 11.70 -13.72
CA PHE B 45 -9.32 10.95 -12.56
C PHE B 45 -8.58 11.86 -11.57
N LEU B 46 -7.81 12.82 -12.08
CA LEU B 46 -7.11 13.74 -11.19
C LEU B 46 -8.10 14.49 -10.31
N GLU B 47 -9.16 15.06 -10.90
CA GLU B 47 -10.14 15.78 -10.09
C GLU B 47 -10.89 14.83 -9.18
N HIS B 48 -11.12 13.60 -9.64
CA HIS B 48 -11.67 12.56 -8.76
C HIS B 48 -10.86 12.44 -7.48
N MET B 49 -9.53 12.33 -7.60
CA MET B 49 -8.68 12.27 -6.42
C MET B 49 -8.82 13.53 -5.58
N CYS B 50 -8.82 14.70 -6.23
CA CYS B 50 -8.86 15.97 -5.50
C CYS B 50 -10.12 16.09 -4.66
N ARG B 51 -11.20 15.40 -5.04
CA ARG B 51 -12.48 15.51 -4.38
C ARG B 51 -12.70 14.48 -3.29
N LEU B 52 -11.77 13.53 -3.12
CA LEU B 52 -11.96 12.54 -2.07
C LEU B 52 -12.02 13.25 -0.71
N ASP B 53 -12.99 12.84 0.11
CA ASP B 53 -13.43 13.63 1.27
C ASP B 53 -13.52 12.71 2.48
N ILE B 54 -12.63 12.90 3.46
CA ILE B 54 -12.70 12.08 4.67
C ILE B 54 -13.99 12.31 5.44
N ASP B 55 -14.71 13.38 5.14
CA ASP B 55 -15.97 13.67 5.84
C ASP B 55 -17.17 13.22 5.04
N SER B 56 -16.95 12.44 3.98
CA SER B 56 -18.05 11.86 3.21
C SER B 56 -18.19 10.41 3.62
N PRO B 57 -19.19 10.06 4.42
CA PRO B 57 -19.24 8.71 4.99
C PRO B 57 -19.74 7.70 3.99
N PRO B 58 -19.22 6.48 4.01
CA PRO B 58 -19.67 5.46 3.07
C PRO B 58 -21.04 4.91 3.44
N ILE B 59 -21.60 4.12 2.51
CA ILE B 59 -22.81 3.35 2.76
C ILE B 59 -22.55 2.26 3.80
N THR B 60 -23.60 1.61 4.26
CA THR B 60 -23.44 0.51 5.21
C THR B 60 -22.80 -0.69 4.55
N ALA B 61 -23.25 -1.03 3.32
CA ALA B 61 -22.80 -2.25 2.67
C ALA B 61 -21.31 -2.23 2.39
N ARG B 62 -20.68 -3.39 2.56
CA ARG B 62 -19.27 -3.61 2.26
C ARG B 62 -19.18 -4.72 1.21
N ASN B 63 -18.52 -4.43 0.09
CA ASN B 63 -18.56 -5.30 -1.09
C ASN B 63 -17.39 -6.28 -1.21
N THR B 64 -16.23 -5.96 -0.64
CA THR B 64 -15.04 -6.79 -0.83
C THR B 64 -15.09 -7.97 0.13
N GLY B 65 -14.93 -9.19 -0.39
CA GLY B 65 -14.92 -10.36 0.47
C GLY B 65 -13.69 -10.39 1.37
N ILE B 66 -13.87 -10.92 2.57
CA ILE B 66 -12.82 -11.00 3.57
C ILE B 66 -12.55 -12.46 3.88
N ILE B 67 -11.31 -12.89 3.63
CA ILE B 67 -10.88 -14.27 3.82
C ILE B 67 -9.93 -14.30 5.02
N CYS B 68 -10.22 -15.15 6.01
CA CYS B 68 -9.42 -15.21 7.23
C CYS B 68 -8.81 -16.58 7.43
N THR B 69 -7.50 -16.63 7.62
CA THR B 69 -6.82 -17.88 7.92
C THR B 69 -7.08 -18.26 9.38
N ILE B 70 -7.50 -19.51 9.60
CA ILE B 70 -7.83 -19.95 10.96
C ILE B 70 -6.67 -20.72 11.55
N GLY B 71 -6.37 -20.45 12.82
CA GLY B 71 -5.31 -21.11 13.53
C GLY B 71 -5.59 -20.97 15.01
N PRO B 72 -4.56 -21.18 15.85
CA PRO B 72 -4.75 -21.13 17.31
C PRO B 72 -5.44 -19.88 17.82
N ALA B 73 -5.18 -18.71 17.23
CA ALA B 73 -5.82 -17.50 17.72
C ALA B 73 -7.30 -17.43 17.38
N SER B 74 -7.78 -18.21 16.42
CA SER B 74 -9.11 -17.99 15.88
C SER B 74 -9.94 -19.26 15.78
N ARG B 75 -9.44 -20.39 16.30
CA ARG B 75 -10.04 -21.70 16.09
C ARG B 75 -11.22 -22.00 17.00
N SER B 76 -11.34 -21.34 18.15
CA SER B 76 -12.42 -21.67 19.07
C SER B 76 -13.76 -21.22 18.51
N VAL B 77 -14.82 -21.96 18.88
CA VAL B 77 -16.16 -21.59 18.45
C VAL B 77 -16.50 -20.17 18.88
N GLU B 78 -16.12 -19.80 20.11
CA GLU B 78 -16.43 -18.47 20.60
C GLU B 78 -15.77 -17.38 19.77
N THR B 79 -14.49 -17.56 19.45
CA THR B 79 -13.81 -16.54 18.65
C THR B 79 -14.33 -16.52 17.23
N LEU B 80 -14.60 -17.70 16.64
CA LEU B 80 -15.15 -17.74 15.29
C LEU B 80 -16.48 -17.01 15.19
N LYS B 81 -17.33 -17.14 16.21
CA LYS B 81 -18.56 -16.36 16.19
C LYS B 81 -18.27 -14.87 16.08
N GLU B 82 -17.25 -14.40 16.78
CA GLU B 82 -16.94 -12.97 16.73
C GLU B 82 -16.30 -12.60 15.40
N MET B 83 -15.49 -13.51 14.84
CA MET B 83 -14.92 -13.31 13.50
CA MET B 83 -14.93 -13.22 13.53
C MET B 83 -16.02 -13.10 12.48
N ILE B 84 -17.06 -13.94 12.55
CA ILE B 84 -18.17 -13.82 11.61
C ILE B 84 -18.90 -12.50 11.80
N LYS B 85 -19.24 -12.17 13.05
CA LYS B 85 -19.86 -10.88 13.32
C LYS B 85 -18.98 -9.72 12.83
N SER B 86 -17.67 -9.89 12.90
CA SER B 86 -16.74 -8.82 12.51
C SER B 86 -16.58 -8.70 11.00
N GLY B 87 -17.01 -9.71 10.24
CA GLY B 87 -17.03 -9.60 8.80
C GLY B 87 -16.38 -10.72 8.02
N MET B 88 -15.88 -11.75 8.68
CA MET B 88 -15.23 -12.86 7.97
C MET B 88 -16.23 -13.55 7.06
N ASN B 89 -15.86 -13.73 5.79
CA ASN B 89 -16.71 -14.43 4.84
C ASN B 89 -16.20 -15.81 4.48
N VAL B 90 -14.90 -16.03 4.52
CA VAL B 90 -14.29 -17.29 4.14
C VAL B 90 -13.27 -17.66 5.20
N ALA B 91 -13.35 -18.89 5.71
CA ALA B 91 -12.31 -19.42 6.58
C ALA B 91 -11.30 -20.21 5.75
N ARG B 92 -10.05 -19.80 5.82
CA ARG B 92 -8.94 -20.47 5.13
C ARG B 92 -8.20 -21.42 6.06
N LEU B 93 -8.07 -22.67 5.64
CA LEU B 93 -7.33 -23.69 6.37
CA LEU B 93 -7.32 -23.66 6.39
C LEU B 93 -6.01 -23.94 5.64
N ASN B 94 -4.89 -23.74 6.33
CA ASN B 94 -3.57 -23.83 5.70
C ASN B 94 -3.01 -25.23 5.92
N PHE B 95 -3.02 -26.05 4.87
CA PHE B 95 -2.57 -27.43 5.00
C PHE B 95 -1.05 -27.58 4.92
N SER B 96 -0.30 -26.47 4.91
CA SER B 96 1.13 -26.57 5.17
C SER B 96 1.42 -27.07 6.59
N HIS B 97 0.44 -26.99 7.49
CA HIS B 97 0.59 -27.45 8.87
C HIS B 97 -0.62 -28.30 9.25
N GLY B 98 -0.46 -29.09 10.32
CA GLY B 98 -1.62 -29.71 10.93
C GLY B 98 -1.97 -31.07 10.35
N THR B 99 -2.71 -31.85 11.13
CA THR B 99 -3.21 -33.14 10.70
C THR B 99 -4.63 -33.00 10.17
N HIS B 100 -5.11 -34.07 9.52
CA HIS B 100 -6.50 -34.08 9.10
C HIS B 100 -7.44 -34.02 10.29
N GLU B 101 -7.10 -34.69 11.39
CA GLU B 101 -7.91 -34.62 12.59
C GLU B 101 -8.05 -33.17 13.06
N TYR B 102 -6.93 -32.45 13.07
CA TYR B 102 -6.93 -31.06 13.49
C TYR B 102 -7.80 -30.22 12.58
N HIS B 103 -7.64 -30.36 11.26
CA HIS B 103 -8.40 -29.54 10.35
C HIS B 103 -9.87 -29.92 10.36
N ALA B 104 -10.19 -31.20 10.53
CA ALA B 104 -11.60 -31.58 10.66
C ALA B 104 -12.23 -30.87 11.85
N GLU B 105 -11.50 -30.77 12.96
CA GLU B 105 -12.07 -30.08 14.11
C GLU B 105 -12.21 -28.58 13.85
N THR B 106 -11.25 -27.97 13.14
CA THR B 106 -11.39 -26.56 12.78
C THR B 106 -12.65 -26.35 11.95
N ILE B 107 -12.86 -27.19 10.93
CA ILE B 107 -14.04 -27.08 10.08
C ILE B 107 -15.31 -27.29 10.91
N LYS B 108 -15.31 -28.28 11.79
CA LYS B 108 -16.44 -28.46 12.70
C LYS B 108 -16.73 -27.17 13.46
N ASN B 109 -15.68 -26.54 14.01
CA ASN B 109 -15.89 -25.31 14.79
C ASN B 109 -16.39 -24.17 13.91
N VAL B 110 -15.87 -24.04 12.70
CA VAL B 110 -16.38 -23.01 11.79
C VAL B 110 -17.87 -23.21 11.54
N ARG B 111 -18.30 -24.45 11.33
CA ARG B 111 -19.70 -24.68 11.01
C ARG B 111 -20.60 -24.49 12.25
N THR B 112 -20.12 -24.90 13.43
CA THR B 112 -20.86 -24.65 14.65
C THR B 112 -21.09 -23.15 14.84
N ALA B 113 -20.01 -22.36 14.71
CA ALA B 113 -20.14 -20.91 14.83
C ALA B 113 -21.07 -20.33 13.76
N THR B 114 -20.90 -20.77 12.51
CA THR B 114 -21.75 -20.25 11.45
C THR B 114 -23.22 -20.58 11.70
N GLU B 115 -23.51 -21.82 12.07
CA GLU B 115 -24.91 -22.19 12.23
C GLU B 115 -25.50 -21.69 13.53
N SER B 116 -24.69 -21.18 14.46
CA SER B 116 -25.27 -20.57 15.65
C SER B 116 -26.12 -19.35 15.31
N PHE B 117 -25.96 -18.79 14.10
CA PHE B 117 -26.75 -17.65 13.66
C PHE B 117 -27.93 -18.05 12.76
N ALA B 118 -28.14 -19.34 12.53
CA ALA B 118 -29.13 -19.76 11.53
C ALA B 118 -30.56 -19.56 12.01
N SER B 119 -30.78 -19.44 13.33
CA SER B 119 -32.12 -19.24 13.85
C SER B 119 -32.78 -18.01 13.25
N ASP B 120 -31.97 -17.03 12.83
CA ASP B 120 -32.48 -15.86 12.14
C ASP B 120 -32.06 -15.93 10.68
N PRO B 121 -32.89 -16.50 9.80
CA PRO B 121 -32.48 -16.67 8.39
C PRO B 121 -32.29 -15.35 7.65
N ILE B 122 -32.78 -14.24 8.18
CA ILE B 122 -32.60 -12.97 7.50
C ILE B 122 -31.24 -12.35 7.84
N LEU B 123 -30.71 -12.60 9.04
CA LEU B 123 -29.41 -12.07 9.41
C LEU B 123 -28.26 -13.07 9.27
N TYR B 124 -28.56 -14.36 9.19
CA TYR B 124 -27.55 -15.40 9.00
C TYR B 124 -26.61 -15.03 7.86
N ARG B 125 -25.31 -15.27 8.06
CA ARG B 125 -24.36 -15.07 6.97
C ARG B 125 -23.78 -16.42 6.57
N PRO B 126 -23.86 -16.82 5.30
CA PRO B 126 -23.09 -17.97 4.86
C PRO B 126 -21.60 -17.70 5.07
N VAL B 127 -20.87 -18.75 5.44
CA VAL B 127 -19.42 -18.69 5.63
C VAL B 127 -18.80 -19.84 4.85
N ALA B 128 -17.89 -19.51 3.95
CA ALA B 128 -17.24 -20.51 3.12
C ALA B 128 -16.01 -21.10 3.82
N VAL B 129 -15.63 -22.29 3.36
CA VAL B 129 -14.47 -23.03 3.85
C VAL B 129 -13.53 -23.26 2.68
N ALA B 130 -12.28 -22.82 2.84
CA ALA B 130 -11.28 -22.91 1.79
C ALA B 130 -10.09 -23.73 2.26
N LEU B 131 -9.67 -24.68 1.43
CA LEU B 131 -8.53 -25.53 1.71
C LEU B 131 -7.35 -24.97 0.93
N ASP B 132 -6.30 -24.55 1.64
CA ASP B 132 -5.11 -24.00 1.02
C ASP B 132 -4.03 -25.08 1.04
N THR B 133 -3.61 -25.55 -0.14
CA THR B 133 -2.75 -26.72 -0.18
C THR B 133 -1.33 -26.39 0.26
N LYS B 134 -0.64 -27.43 0.73
CA LYS B 134 0.80 -27.29 0.94
C LYS B 134 1.52 -27.03 -0.38
N GLY B 135 1.29 -27.90 -1.37
CA GLY B 135 1.92 -27.76 -2.67
C GLY B 135 3.41 -28.03 -2.64
N PRO B 136 4.12 -27.66 -3.71
CA PRO B 136 5.57 -27.90 -3.81
C PRO B 136 6.39 -26.91 -2.96
N GLU B 137 6.11 -26.93 -1.68
CA GLU B 137 6.78 -26.12 -0.68
C GLU B 137 8.12 -26.74 -0.30
N ILE B 138 9.10 -25.89 0.03
CA ILE B 138 10.37 -26.35 0.63
C ILE B 138 10.44 -25.81 2.05
N ARG B 139 10.73 -26.69 3.02
CA ARG B 139 10.80 -26.26 4.40
C ARG B 139 12.01 -26.87 5.10
N THR B 140 12.52 -26.15 6.09
CA THR B 140 13.57 -26.67 6.95
C THR B 140 12.97 -27.64 7.97
N GLY B 141 13.83 -28.28 8.76
CA GLY B 141 13.40 -29.17 9.80
C GLY B 141 13.21 -28.48 11.13
N LEU B 142 13.18 -29.27 12.20
CA LEU B 142 13.02 -28.74 13.55
C LEU B 142 14.37 -28.41 14.16
N ILE B 143 14.43 -27.27 14.86
CA ILE B 143 15.63 -26.89 15.58
C ILE B 143 15.88 -27.89 16.69
N LYS B 144 17.15 -28.26 16.85
CA LYS B 144 17.53 -29.19 17.92
C LYS B 144 16.99 -28.67 19.24
N GLY B 145 16.16 -29.48 19.89
CA GLY B 145 15.35 -29.01 20.99
C GLY B 145 16.07 -28.82 22.30
N SER B 146 17.32 -29.27 22.39
CA SER B 146 18.08 -29.22 23.64
C SER B 146 18.77 -27.88 23.88
N GLY B 147 18.82 -27.01 22.87
CA GLY B 147 19.42 -25.70 23.05
C GLY B 147 18.40 -24.59 22.95
N THR B 148 18.83 -23.41 22.48
CA THR B 148 17.91 -22.31 22.27
C THR B 148 16.86 -22.68 21.22
N ALA B 149 15.64 -22.18 21.41
CA ALA B 149 14.53 -22.53 20.53
C ALA B 149 14.79 -22.10 19.09
N GLU B 150 15.59 -21.05 18.91
CA GLU B 150 16.06 -20.59 17.61
C GLU B 150 17.57 -20.54 17.64
N VAL B 151 18.19 -20.64 16.47
CA VAL B 151 19.64 -20.51 16.39
C VAL B 151 19.96 -19.20 15.66
N GLU B 152 21.11 -18.64 15.99
CA GLU B 152 21.58 -17.41 15.36
C GLU B 152 22.49 -17.75 14.19
N LEU B 153 22.08 -17.35 12.99
CA LEU B 153 22.90 -17.49 11.80
C LEU B 153 23.57 -16.14 11.57
N LYS B 154 24.90 -16.14 11.54
CA LYS B 154 25.68 -14.91 11.47
C LYS B 154 26.32 -14.77 10.10
N LYS B 155 26.32 -13.54 9.57
CA LYS B 155 26.93 -13.26 8.29
C LYS B 155 28.35 -13.80 8.22
N GLY B 156 28.66 -14.51 7.14
CA GLY B 156 29.97 -15.06 6.92
C GLY B 156 30.17 -16.46 7.47
N ALA B 157 29.30 -16.91 8.37
CA ALA B 157 29.45 -18.24 8.94
C ALA B 157 29.16 -19.31 7.90
N THR B 158 29.78 -20.46 8.10
CA THR B 158 29.45 -21.63 7.29
C THR B 158 28.18 -22.27 7.82
N LEU B 159 27.34 -22.76 6.91
CA LEU B 159 26.18 -23.55 7.28
C LEU B 159 26.08 -24.68 6.28
N LYS B 160 25.99 -25.92 6.77
CA LYS B 160 25.84 -27.06 5.90
C LYS B 160 24.36 -27.41 5.76
N ILE B 161 23.90 -27.50 4.52
CA ILE B 161 22.55 -27.98 4.25
C ILE B 161 22.63 -29.46 3.98
N THR B 162 21.83 -30.24 4.70
CA THR B 162 21.82 -31.67 4.56
C THR B 162 20.44 -32.15 4.14
N LEU B 163 20.42 -33.30 3.46
CA LEU B 163 19.18 -34.00 3.17
C LEU B 163 19.05 -35.26 4.02
N ASP B 164 20.04 -35.53 4.86
CA ASP B 164 20.07 -36.73 5.69
C ASP B 164 19.05 -36.59 6.80
N ASN B 165 18.01 -37.42 6.77
CA ASN B 165 16.91 -37.30 7.71
C ASN B 165 17.32 -37.57 9.15
N ALA B 166 18.55 -38.03 9.39
CA ALA B 166 19.03 -38.11 10.76
C ALA B 166 19.02 -36.74 11.42
N TYR B 167 19.12 -35.67 10.63
CA TYR B 167 19.17 -34.30 11.14
C TYR B 167 17.85 -33.56 11.02
N MET B 168 16.79 -34.23 10.56
CA MET B 168 15.51 -33.57 10.30
CA MET B 168 15.55 -33.51 10.29
C MET B 168 14.97 -32.86 11.54
N GLU B 169 15.28 -33.36 12.73
CA GLU B 169 14.85 -32.71 13.96
C GLU B 169 16.06 -32.27 14.80
N LYS B 170 17.20 -32.02 14.15
CA LYS B 170 18.41 -31.60 14.83
C LYS B 170 19.03 -30.39 14.13
N CYS B 171 18.21 -29.50 13.59
CA CYS B 171 18.76 -28.35 12.87
C CYS B 171 19.42 -27.38 13.83
N ASP B 172 20.58 -26.85 13.46
CA ASP B 172 21.20 -25.82 14.29
C ASP B 172 22.05 -24.92 13.40
N GLU B 173 22.94 -24.16 14.03
CA GLU B 173 23.77 -23.20 13.29
C GLU B 173 24.90 -23.87 12.51
N ASN B 174 25.09 -25.17 12.68
CA ASN B 174 26.08 -25.91 11.91
C ASN B 174 25.46 -26.71 10.77
N ILE B 175 24.28 -27.29 10.97
CA ILE B 175 23.70 -28.15 9.96
C ILE B 175 22.19 -27.89 9.88
N LEU B 176 21.71 -27.66 8.66
CA LEU B 176 20.32 -27.35 8.42
C LEU B 176 19.75 -28.38 7.45
N TRP B 177 18.79 -29.15 7.92
CA TRP B 177 18.08 -30.12 7.09
C TRP B 177 16.92 -29.43 6.39
N LEU B 178 16.67 -29.78 5.13
CA LEU B 178 15.43 -29.36 4.50
C LEU B 178 14.87 -30.53 3.71
N ASP B 179 13.62 -30.39 3.28
CA ASP B 179 12.86 -31.55 2.81
C ASP B 179 12.82 -31.68 1.30
N TYR B 180 13.55 -30.85 0.57
CA TYR B 180 13.64 -30.94 -0.89
C TYR B 180 14.78 -31.88 -1.25
N LYS B 181 14.45 -33.17 -1.40
CA LYS B 181 15.48 -34.19 -1.51
C LYS B 181 16.30 -34.07 -2.79
N ASN B 182 15.77 -33.45 -3.83
CA ASN B 182 16.50 -33.32 -5.08
C ASN B 182 17.17 -31.95 -5.24
N ILE B 183 17.35 -31.22 -4.14
CA ILE B 183 17.83 -29.84 -4.23
C ILE B 183 19.23 -29.76 -4.85
N CYS B 184 20.07 -30.75 -4.62
CA CYS B 184 21.43 -30.64 -5.14
C CYS B 184 21.47 -30.69 -6.66
N LYS B 185 20.45 -31.26 -7.30
CA LYS B 185 20.44 -31.33 -8.75
C LYS B 185 20.12 -29.98 -9.37
N VAL B 186 19.39 -29.11 -8.67
CA VAL B 186 18.86 -27.89 -9.27
C VAL B 186 19.61 -26.65 -8.82
N VAL B 187 20.57 -26.79 -7.91
CA VAL B 187 21.45 -25.69 -7.57
C VAL B 187 22.87 -26.06 -8.01
N GLU B 188 23.70 -25.05 -8.16
CA GLU B 188 25.12 -25.21 -8.42
C GLU B 188 25.88 -24.25 -7.53
N VAL B 189 27.22 -24.31 -7.57
CA VAL B 189 28.02 -23.40 -6.76
C VAL B 189 27.64 -21.96 -7.13
N GLY B 190 27.43 -21.13 -6.11
CA GLY B 190 27.03 -19.76 -6.28
C GLY B 190 25.53 -19.51 -6.18
N SER B 191 24.70 -20.54 -6.26
CA SER B 191 23.26 -20.34 -6.14
C SER B 191 22.92 -19.72 -4.80
N LYS B 192 21.85 -18.93 -4.76
CA LYS B 192 21.39 -18.31 -3.53
C LYS B 192 20.20 -19.06 -2.96
N ILE B 193 20.11 -19.15 -1.63
CA ILE B 193 19.04 -19.85 -0.93
C ILE B 193 18.46 -18.93 0.14
N TYR B 194 17.14 -18.77 0.14
CA TYR B 194 16.45 -17.87 1.06
C TYR B 194 15.63 -18.68 2.05
N VAL B 195 15.62 -18.22 3.31
CA VAL B 195 14.94 -18.93 4.39
C VAL B 195 14.13 -17.94 5.20
N ASP B 196 12.91 -18.34 5.58
CA ASP B 196 12.03 -17.65 6.51
C ASP B 196 11.56 -16.32 5.95
N ASP B 197 10.56 -16.35 5.06
CA ASP B 197 10.05 -15.14 4.43
C ASP B 197 11.17 -14.38 3.72
N GLY B 198 12.18 -15.13 3.25
CA GLY B 198 13.28 -14.54 2.52
C GLY B 198 14.14 -13.60 3.32
N LEU B 199 14.10 -13.67 4.64
CA LEU B 199 14.88 -12.77 5.49
C LEU B 199 16.31 -13.26 5.70
N ILE B 200 16.54 -14.58 5.66
CA ILE B 200 17.87 -15.17 5.76
C ILE B 200 18.28 -15.60 4.36
N SER B 201 19.55 -15.39 4.00
CA SER B 201 20.03 -15.84 2.70
C SER B 201 21.38 -16.50 2.82
N LEU B 202 21.59 -17.51 1.98
CA LEU B 202 22.82 -18.30 1.95
C LEU B 202 23.29 -18.40 0.51
N GLN B 203 24.60 -18.64 0.34
CA GLN B 203 25.19 -18.87 -0.97
C GLN B 203 25.89 -20.22 -0.98
N VAL B 204 25.60 -21.04 -2.00
CA VAL B 204 26.21 -22.36 -2.09
C VAL B 204 27.69 -22.21 -2.44
N LYS B 205 28.53 -22.95 -1.71
CA LYS B 205 29.98 -22.94 -1.92
C LYS B 205 30.52 -24.26 -2.47
N GLN B 206 29.93 -25.39 -2.10
CA GLN B 206 30.33 -26.68 -2.63
C GLN B 206 29.12 -27.59 -2.59
N LYS B 207 29.24 -28.74 -3.27
CA LYS B 207 28.14 -29.70 -3.35
C LYS B 207 28.63 -31.09 -2.97
N GLY B 208 27.69 -31.93 -2.55
CA GLY B 208 27.98 -33.31 -2.19
C GLY B 208 26.86 -34.23 -2.64
N ALA B 209 27.00 -35.51 -2.28
CA ALA B 209 25.99 -36.50 -2.62
C ALA B 209 24.63 -36.09 -2.10
N ASP B 210 24.56 -35.72 -0.81
CA ASP B 210 23.29 -35.35 -0.19
C ASP B 210 23.48 -34.15 0.72
N PHE B 211 24.25 -33.16 0.27
CA PHE B 211 24.48 -31.98 1.11
C PHE B 211 25.03 -30.84 0.27
N LEU B 212 24.97 -29.64 0.84
CA LEU B 212 25.54 -28.44 0.29
C LEU B 212 26.29 -27.69 1.39
N VAL B 213 27.41 -27.09 1.04
CA VAL B 213 28.14 -26.20 1.94
C VAL B 213 27.81 -24.78 1.55
N THR B 214 27.25 -24.01 2.47
CA THR B 214 26.86 -22.65 2.20
C THR B 214 27.53 -21.68 3.17
N GLU B 215 27.52 -20.41 2.80
CA GLU B 215 27.94 -19.31 3.67
C GLU B 215 26.76 -18.39 3.90
N VAL B 216 26.60 -17.95 5.14
CA VAL B 216 25.49 -17.07 5.49
C VAL B 216 25.73 -15.69 4.87
N GLU B 217 24.78 -15.24 4.05
CA GLU B 217 24.86 -13.91 3.43
C GLU B 217 24.15 -12.90 4.33
N ASN B 218 22.83 -13.02 4.42
CA ASN B 218 22.05 -12.27 5.41
C ASN B 218 21.71 -13.23 6.55
N GLY B 219 22.13 -12.86 7.75
CA GLY B 219 21.90 -13.70 8.91
C GLY B 219 20.64 -13.32 9.66
N GLY B 220 20.39 -14.06 10.73
CA GLY B 220 19.26 -13.80 11.58
C GLY B 220 18.94 -15.02 12.44
N SER B 221 17.84 -14.91 13.18
CA SER B 221 17.40 -15.97 14.06
C SER B 221 16.53 -16.97 13.29
N LEU B 222 16.89 -18.25 13.35
CA LEU B 222 16.21 -19.30 12.60
C LEU B 222 15.40 -20.19 13.54
N GLY B 223 14.11 -20.30 13.30
CA GLY B 223 13.25 -21.22 14.00
C GLY B 223 13.04 -22.51 13.23
N SER B 224 12.02 -23.26 13.63
CA SER B 224 11.72 -24.55 13.02
C SER B 224 10.78 -24.43 11.83
N LYS B 225 10.99 -25.30 10.85
CA LYS B 225 10.02 -25.55 9.79
C LYS B 225 9.69 -24.28 9.02
N LYS B 226 10.73 -23.58 8.60
CA LYS B 226 10.56 -22.31 7.90
C LYS B 226 10.63 -22.52 6.39
N GLY B 227 9.90 -21.68 5.66
CA GLY B 227 9.85 -21.81 4.21
C GLY B 227 11.16 -21.41 3.54
N VAL B 228 11.49 -22.12 2.45
CA VAL B 228 12.73 -21.92 1.73
C VAL B 228 12.40 -21.61 0.29
N ASN B 229 13.12 -20.64 -0.29
CA ASN B 229 12.94 -20.29 -1.70
C ASN B 229 14.25 -20.36 -2.46
N LEU B 230 14.17 -20.79 -3.72
CA LEU B 230 15.33 -20.89 -4.61
C LEU B 230 15.02 -20.10 -5.88
N PRO B 231 15.06 -18.76 -5.80
CA PRO B 231 14.57 -17.95 -6.94
C PRO B 231 15.34 -18.17 -8.22
N GLY B 232 16.61 -18.56 -8.15
CA GLY B 232 17.37 -18.81 -9.36
C GLY B 232 17.25 -20.20 -9.93
N ALA B 233 16.48 -21.07 -9.29
CA ALA B 233 16.48 -22.49 -9.61
C ALA B 233 15.16 -22.90 -10.24
N ALA B 234 15.21 -23.96 -11.05
CA ALA B 234 14.01 -24.59 -11.57
C ALA B 234 13.64 -25.74 -10.64
N VAL B 235 12.82 -25.43 -9.63
CA VAL B 235 12.41 -26.43 -8.64
C VAL B 235 11.49 -27.45 -9.31
N ASP B 236 11.80 -28.73 -9.13
CA ASP B 236 11.14 -29.79 -9.90
C ASP B 236 10.18 -30.62 -9.05
N LEU B 237 9.64 -30.04 -7.98
CA LEU B 237 8.68 -30.76 -7.16
C LEU B 237 7.33 -30.88 -7.89
N PRO B 238 6.55 -31.91 -7.57
CA PRO B 238 5.26 -32.08 -8.27
C PRO B 238 4.27 -30.97 -7.92
N ALA B 239 3.49 -30.55 -8.92
CA ALA B 239 2.44 -29.57 -8.66
C ALA B 239 1.47 -30.10 -7.61
N VAL B 240 1.18 -31.39 -7.67
CA VAL B 240 0.28 -32.05 -6.73
C VAL B 240 1.00 -33.28 -6.21
N SER B 241 1.47 -33.20 -4.97
CA SER B 241 2.18 -34.29 -4.33
C SER B 241 1.19 -35.34 -3.82
N GLU B 242 1.73 -36.47 -3.38
CA GLU B 242 0.88 -37.48 -2.76
C GLU B 242 0.16 -36.92 -1.54
N LYS B 243 0.86 -36.09 -0.75
CA LYS B 243 0.22 -35.42 0.37
C LYS B 243 -0.88 -34.49 -0.12
N ASP B 244 -0.63 -33.72 -1.17
CA ASP B 244 -1.66 -32.83 -1.69
C ASP B 244 -2.89 -33.63 -2.12
N ILE B 245 -2.69 -34.79 -2.72
CA ILE B 245 -3.80 -35.63 -3.15
C ILE B 245 -4.65 -36.04 -1.95
N GLN B 246 -3.99 -36.51 -0.88
CA GLN B 246 -4.71 -36.85 0.34
C GLN B 246 -5.47 -35.65 0.88
N ASP B 247 -4.85 -34.46 0.88
CA ASP B 247 -5.51 -33.28 1.41
C ASP B 247 -6.70 -32.88 0.55
N LEU B 248 -6.54 -32.92 -0.77
CA LEU B 248 -7.64 -32.54 -1.65
C LEU B 248 -8.80 -33.52 -1.52
N LYS B 249 -8.51 -34.82 -1.44
CA LYS B 249 -9.58 -35.80 -1.24
C LYS B 249 -10.28 -35.57 0.09
N PHE B 250 -9.51 -35.22 1.13
CA PHE B 250 -10.11 -34.86 2.40
C PHE B 250 -10.99 -33.62 2.27
N GLY B 251 -10.55 -32.63 1.48
CA GLY B 251 -11.40 -31.47 1.25
C GLY B 251 -12.72 -31.82 0.59
N VAL B 252 -12.68 -32.74 -0.39
CA VAL B 252 -13.92 -33.20 -0.99
C VAL B 252 -14.81 -33.86 0.05
N GLU B 253 -14.23 -34.74 0.87
CA GLU B 253 -15.01 -35.44 1.88
C GLU B 253 -15.63 -34.48 2.89
N GLN B 254 -14.91 -33.39 3.20
CA GLN B 254 -15.36 -32.39 4.15
C GLN B 254 -16.25 -31.33 3.52
N ASP B 255 -16.53 -31.44 2.22
CA ASP B 255 -17.46 -30.53 1.54
C ASP B 255 -16.96 -29.10 1.55
N VAL B 256 -15.64 -28.92 1.37
CA VAL B 256 -15.12 -27.55 1.30
C VAL B 256 -15.66 -26.85 0.05
N ASP B 257 -15.60 -25.51 0.07
CA ASP B 257 -16.19 -24.73 -1.02
C ASP B 257 -15.19 -24.40 -2.12
N MET B 258 -13.92 -24.35 -1.77
CA MET B 258 -12.94 -23.87 -2.70
C MET B 258 -11.58 -24.37 -2.24
N VAL B 259 -10.67 -24.48 -3.19
CA VAL B 259 -9.28 -24.87 -2.95
CA VAL B 259 -9.29 -24.84 -2.90
C VAL B 259 -8.39 -23.71 -3.38
N PHE B 260 -7.43 -23.33 -2.52
CA PHE B 260 -6.40 -22.36 -2.89
C PHE B 260 -5.18 -23.21 -3.19
N ALA B 261 -4.85 -23.36 -4.46
CA ALA B 261 -3.83 -24.30 -4.88
C ALA B 261 -2.48 -23.59 -4.96
N SER B 262 -1.54 -24.02 -4.10
CA SER B 262 -0.27 -23.30 -3.97
C SER B 262 0.66 -23.57 -5.15
N PHE B 263 1.40 -22.53 -5.53
CA PHE B 263 2.53 -22.59 -6.48
C PHE B 263 2.11 -23.03 -7.88
N ILE B 264 0.93 -22.61 -8.35
CA ILE B 264 0.52 -23.00 -9.69
C ILE B 264 1.41 -22.32 -10.71
N ARG B 265 2.01 -23.12 -11.61
CA ARG B 265 2.96 -22.60 -12.59
C ARG B 265 2.45 -22.62 -14.01
N LYS B 266 1.41 -23.39 -14.29
CA LYS B 266 1.02 -23.62 -15.68
C LYS B 266 -0.35 -24.26 -15.68
N ALA B 267 -1.01 -24.23 -16.86
CA ALA B 267 -2.37 -24.74 -16.94
C ALA B 267 -2.45 -26.19 -16.49
N SER B 268 -1.43 -26.99 -16.84
CA SER B 268 -1.50 -28.42 -16.53
C SER B 268 -1.50 -28.68 -15.03
N ASP B 269 -0.93 -27.75 -14.24
CA ASP B 269 -1.05 -27.87 -12.78
C ASP B 269 -2.50 -27.74 -12.34
N VAL B 270 -3.24 -26.81 -12.93
CA VAL B 270 -4.66 -26.65 -12.59
C VAL B 270 -5.43 -27.91 -12.98
N HIS B 271 -5.15 -28.44 -14.17
CA HIS B 271 -5.77 -29.69 -14.60
C HIS B 271 -5.56 -30.80 -13.59
N GLU B 272 -4.34 -30.91 -13.04
CA GLU B 272 -4.07 -31.96 -12.05
C GLU B 272 -4.92 -31.77 -10.81
N VAL B 273 -5.02 -30.53 -10.32
CA VAL B 273 -5.89 -30.30 -9.16
C VAL B 273 -7.33 -30.68 -9.48
N ARG B 274 -7.82 -30.28 -10.65
CA ARG B 274 -9.22 -30.54 -10.97
C ARG B 274 -9.49 -32.03 -11.12
N LYS B 275 -8.50 -32.77 -11.61
CA LYS B 275 -8.64 -34.22 -11.73
C LYS B 275 -8.74 -34.88 -10.36
N VAL B 276 -7.94 -34.41 -9.41
CA VAL B 276 -8.01 -34.98 -8.06
C VAL B 276 -9.37 -34.71 -7.44
N LEU B 277 -9.88 -33.49 -7.59
CA LEU B 277 -11.19 -33.17 -7.06
C LEU B 277 -12.26 -34.00 -7.75
N GLY B 278 -12.08 -34.30 -9.03
CA GLY B 278 -12.88 -35.26 -9.76
C GLY B 278 -14.37 -34.91 -9.85
N GLU B 279 -15.15 -35.96 -10.13
CA GLU B 279 -16.58 -35.77 -10.29
C GLU B 279 -17.24 -35.35 -8.99
N LYS B 280 -16.87 -35.99 -7.87
CA LYS B 280 -17.52 -35.62 -6.62
C LYS B 280 -17.21 -34.17 -6.25
N GLY B 281 -16.00 -33.71 -6.58
CA GLY B 281 -15.59 -32.36 -6.22
C GLY B 281 -15.76 -31.37 -7.35
N LYS B 282 -16.58 -31.72 -8.36
CA LYS B 282 -16.56 -30.94 -9.59
C LYS B 282 -17.02 -29.50 -9.40
N ASN B 283 -17.82 -29.22 -8.37
CA ASN B 283 -18.32 -27.86 -8.16
C ASN B 283 -17.46 -27.06 -7.21
N ILE B 284 -16.39 -27.66 -6.69
CA ILE B 284 -15.48 -26.92 -5.80
C ILE B 284 -14.68 -25.93 -6.64
N LYS B 285 -14.55 -24.70 -6.16
CA LYS B 285 -13.87 -23.67 -6.94
C LYS B 285 -12.36 -23.82 -6.78
N ILE B 286 -11.62 -23.75 -7.88
CA ILE B 286 -10.16 -23.82 -7.84
C ILE B 286 -9.61 -22.42 -8.02
N ILE B 287 -8.92 -21.93 -7.00
CA ILE B 287 -8.26 -20.64 -7.01
C ILE B 287 -6.77 -20.93 -7.12
N SER B 288 -6.15 -20.56 -8.25
CA SER B 288 -4.72 -20.82 -8.43
C SER B 288 -3.91 -19.73 -7.75
N LYS B 289 -2.99 -20.12 -6.89
CA LYS B 289 -2.13 -19.16 -6.21
C LYS B 289 -0.92 -18.89 -7.10
N ILE B 290 -0.72 -17.61 -7.44
CA ILE B 290 0.43 -17.22 -8.25
C ILE B 290 1.50 -16.71 -7.30
N GLU B 291 2.61 -17.44 -7.24
CA GLU B 291 3.63 -17.07 -6.26
C GLU B 291 5.04 -17.33 -6.76
N ASN B 292 5.25 -17.49 -8.07
CA ASN B 292 6.60 -17.56 -8.59
C ASN B 292 6.60 -16.95 -9.97
N HIS B 293 7.79 -16.84 -10.55
CA HIS B 293 7.94 -16.14 -11.82
CA HIS B 293 7.92 -16.13 -11.81
C HIS B 293 7.21 -16.87 -12.93
N GLU B 294 7.26 -18.20 -12.92
CA GLU B 294 6.63 -18.95 -14.00
C GLU B 294 5.12 -18.76 -14.00
N GLY B 295 4.51 -18.73 -12.82
CA GLY B 295 3.08 -18.50 -12.75
C GLY B 295 2.69 -17.15 -13.31
N VAL B 296 3.52 -16.13 -13.08
CA VAL B 296 3.25 -14.84 -13.70
C VAL B 296 3.37 -14.93 -15.21
N ARG B 297 4.44 -15.57 -15.70
CA ARG B 297 4.66 -15.67 -17.15
C ARG B 297 3.54 -16.43 -17.83
N ARG B 298 3.03 -17.47 -17.20
CA ARG B 298 2.00 -18.31 -17.81
C ARG B 298 0.61 -17.97 -17.28
N PHE B 299 0.43 -16.74 -16.80
CA PHE B 299 -0.80 -16.37 -16.12
C PHE B 299 -2.04 -16.61 -16.98
N ASP B 300 -2.02 -16.22 -18.26
CA ASP B 300 -3.25 -16.30 -19.03
C ASP B 300 -3.77 -17.72 -19.13
N GLU B 301 -2.88 -18.69 -19.37
CA GLU B 301 -3.38 -20.06 -19.48
C GLU B 301 -3.83 -20.59 -18.14
N ILE B 302 -3.19 -20.15 -17.05
CA ILE B 302 -3.64 -20.52 -15.71
C ILE B 302 -5.01 -19.93 -15.44
N LEU B 303 -5.20 -18.67 -15.78
CA LEU B 303 -6.49 -18.01 -15.53
C LEU B 303 -7.61 -18.70 -16.29
N GLU B 304 -7.35 -19.13 -17.53
CA GLU B 304 -8.38 -19.77 -18.34
CA GLU B 304 -8.40 -19.76 -18.32
C GLU B 304 -8.87 -21.05 -17.67
N ALA B 305 -7.95 -21.84 -17.13
CA ALA B 305 -8.33 -23.11 -16.51
C ALA B 305 -8.89 -22.95 -15.10
N SER B 306 -8.54 -21.86 -14.41
CA SER B 306 -8.89 -21.70 -13.01
C SER B 306 -10.28 -21.08 -12.88
N ASP B 307 -10.86 -21.24 -11.69
CA ASP B 307 -12.05 -20.45 -11.38
C ASP B 307 -11.70 -19.05 -10.91
N GLY B 308 -10.53 -18.89 -10.28
CA GLY B 308 -10.08 -17.58 -9.86
C GLY B 308 -8.62 -17.64 -9.49
N ILE B 309 -8.12 -16.52 -8.96
CA ILE B 309 -6.68 -16.32 -8.77
C ILE B 309 -6.43 -15.76 -7.39
N MET B 310 -5.36 -16.22 -6.74
CA MET B 310 -4.83 -15.51 -5.57
C MET B 310 -3.48 -14.90 -5.92
N VAL B 311 -3.33 -13.60 -5.67
CA VAL B 311 -2.02 -12.96 -5.72
C VAL B 311 -1.34 -13.30 -4.40
N ALA B 312 -0.52 -14.35 -4.39
CA ALA B 312 0.05 -14.89 -3.16
C ALA B 312 1.40 -14.21 -2.91
N ARG B 313 1.32 -13.03 -2.29
CA ARG B 313 2.46 -12.11 -2.35
C ARG B 313 3.62 -12.51 -1.46
N GLY B 314 3.39 -13.34 -0.44
CA GLY B 314 4.49 -13.79 0.40
C GLY B 314 5.57 -14.47 -0.39
N ASP B 315 5.24 -15.62 -1.00
CA ASP B 315 6.23 -16.30 -1.84
C ASP B 315 6.60 -15.46 -3.07
N LEU B 316 5.62 -14.76 -3.65
CA LEU B 316 5.90 -14.05 -4.89
C LEU B 316 7.01 -13.03 -4.69
N GLY B 317 6.94 -12.28 -3.58
CA GLY B 317 7.89 -11.25 -3.22
C GLY B 317 9.26 -11.76 -2.80
N ILE B 318 9.43 -13.08 -2.66
CA ILE B 318 10.75 -13.70 -2.50
C ILE B 318 11.26 -14.25 -3.83
N GLU B 319 10.36 -14.85 -4.62
CA GLU B 319 10.73 -15.43 -5.91
C GLU B 319 11.14 -14.36 -6.92
N ILE B 320 10.50 -13.20 -6.86
CA ILE B 320 10.84 -12.08 -7.73
C ILE B 320 11.21 -10.89 -6.85
N PRO B 321 11.89 -9.89 -7.40
CA PRO B 321 12.28 -8.73 -6.59
C PRO B 321 11.07 -8.09 -5.93
N ALA B 322 11.24 -7.74 -4.66
CA ALA B 322 10.15 -7.16 -3.87
C ALA B 322 9.56 -5.94 -4.55
N GLU B 323 10.40 -5.15 -5.21
CA GLU B 323 9.94 -3.93 -5.86
C GLU B 323 9.11 -4.19 -7.10
N LYS B 324 9.01 -5.44 -7.57
CA LYS B 324 8.18 -5.75 -8.73
C LYS B 324 6.83 -6.33 -8.38
N VAL B 325 6.57 -6.64 -7.11
CA VAL B 325 5.33 -7.34 -6.76
C VAL B 325 4.09 -6.51 -7.13
N PHE B 326 4.15 -5.19 -6.94
CA PHE B 326 2.96 -4.39 -7.24
C PHE B 326 2.59 -4.46 -8.73
N LEU B 327 3.59 -4.60 -9.61
CA LEU B 327 3.30 -4.76 -11.04
C LEU B 327 2.55 -6.06 -11.29
N ALA B 328 3.03 -7.15 -10.70
CA ALA B 328 2.36 -8.44 -10.86
C ALA B 328 0.95 -8.39 -10.27
N GLN B 329 0.80 -7.73 -9.13
CA GLN B 329 -0.51 -7.64 -8.50
C GLN B 329 -1.49 -6.89 -9.37
N LYS B 330 -1.10 -5.72 -9.88
CA LYS B 330 -2.03 -4.95 -10.67
C LYS B 330 -2.28 -5.60 -12.02
N MET B 331 -1.26 -6.26 -12.59
CA MET B 331 -1.49 -7.03 -13.82
C MET B 331 -2.55 -8.11 -13.59
N MET B 332 -2.42 -8.90 -12.52
CA MET B 332 -3.34 -10.01 -12.31
C MET B 332 -4.74 -9.53 -11.96
N ILE B 333 -4.86 -8.50 -11.13
CA ILE B 333 -6.17 -7.97 -10.79
C ILE B 333 -6.83 -7.44 -12.06
N GLY B 334 -6.08 -6.70 -12.86
CA GLY B 334 -6.63 -6.18 -14.09
C GLY B 334 -7.13 -7.28 -15.01
N ARG B 335 -6.33 -8.32 -15.20
CA ARG B 335 -6.74 -9.36 -16.13
C ARG B 335 -7.88 -10.20 -15.58
N CYS B 336 -7.91 -10.43 -14.26
CA CYS B 336 -9.07 -11.10 -13.69
C CYS B 336 -10.32 -10.26 -13.82
N ASN B 337 -10.21 -8.93 -13.62
CA ASN B 337 -11.38 -8.07 -13.83
C ASN B 337 -11.84 -8.16 -15.28
N ARG B 338 -10.89 -8.25 -16.22
N ARG B 338 -10.90 -8.22 -16.23
CA ARG B 338 -11.18 -8.33 -17.64
CA ARG B 338 -11.32 -8.31 -17.63
C ARG B 338 -11.87 -9.63 -17.99
C ARG B 338 -12.01 -9.63 -17.90
N ALA B 339 -11.55 -10.71 -17.26
CA ALA B 339 -12.15 -12.02 -17.48
C ALA B 339 -13.42 -12.25 -16.66
N GLY B 340 -13.70 -11.38 -15.70
CA GLY B 340 -14.82 -11.63 -14.81
C GLY B 340 -14.63 -12.81 -13.89
N LYS B 341 -13.38 -13.09 -13.49
CA LYS B 341 -13.08 -14.15 -12.54
C LYS B 341 -12.51 -13.55 -11.27
N PRO B 342 -12.83 -14.14 -10.11
CA PRO B 342 -12.41 -13.56 -8.83
C PRO B 342 -10.91 -13.49 -8.68
N VAL B 343 -10.42 -12.44 -8.04
CA VAL B 343 -9.00 -12.34 -7.71
C VAL B 343 -8.90 -11.93 -6.25
N ILE B 344 -8.04 -12.62 -5.51
CA ILE B 344 -7.78 -12.37 -4.09
C ILE B 344 -6.42 -11.70 -3.96
N CYS B 345 -6.36 -10.60 -3.20
CA CYS B 345 -5.06 -10.06 -2.77
C CYS B 345 -4.72 -10.63 -1.41
N ALA B 346 -3.53 -11.19 -1.28
CA ALA B 346 -3.18 -11.93 -0.08
C ALA B 346 -1.79 -11.55 0.43
N THR B 347 -1.66 -11.64 1.76
CA THR B 347 -0.42 -11.82 2.50
C THR B 347 0.25 -10.52 2.95
N GLN B 348 0.36 -10.39 4.28
CA GLN B 348 0.98 -9.25 4.97
C GLN B 348 0.23 -7.94 4.79
N MET B 349 -1.06 -8.00 4.45
CA MET B 349 -1.82 -6.77 4.26
C MET B 349 -1.90 -5.94 5.54
N LEU B 350 -2.03 -6.59 6.69
CA LEU B 350 -2.10 -5.95 8.00
C LEU B 350 -1.10 -6.60 8.96
N GLU B 351 0.08 -6.92 8.45
CA GLU B 351 0.98 -7.84 9.15
C GLU B 351 1.32 -7.37 10.56
N SER B 352 1.54 -6.08 10.76
CA SER B 352 1.94 -5.61 12.10
C SER B 352 0.87 -5.85 13.16
N MET B 353 -0.39 -6.09 12.75
CA MET B 353 -1.48 -6.39 13.68
C MET B 353 -1.39 -7.80 14.26
N ILE B 354 -0.41 -8.60 13.85
CA ILE B 354 -0.11 -9.82 14.60
C ILE B 354 0.23 -9.46 16.03
N LYS B 355 0.90 -8.31 16.22
CA LYS B 355 1.36 -7.91 17.54
C LYS B 355 0.72 -6.63 18.07
N LYS B 356 0.07 -5.82 17.23
CA LYS B 356 -0.41 -4.51 17.64
C LYS B 356 -1.89 -4.34 17.28
N PRO B 357 -2.63 -3.56 18.07
CA PRO B 357 -4.08 -3.42 17.86
C PRO B 357 -4.47 -2.50 16.70
N ARG B 358 -3.52 -1.81 16.10
CA ARG B 358 -3.76 -0.90 14.98
CA ARG B 358 -3.81 -0.99 14.93
C ARG B 358 -2.72 -1.19 13.91
N PRO B 359 -3.03 -0.99 12.64
CA PRO B 359 -2.06 -1.27 11.57
C PRO B 359 -1.15 -0.07 11.32
N THR B 360 -0.07 -0.33 10.58
CA THR B 360 0.77 0.77 10.13
C THR B 360 0.08 1.53 9.01
N ARG B 361 0.63 2.70 8.70
CA ARG B 361 0.06 3.47 7.61
C ARG B 361 0.24 2.78 6.26
N ALA B 362 1.34 2.05 6.06
CA ALA B 362 1.50 1.32 4.80
C ALA B 362 0.46 0.22 4.68
N GLU B 363 0.13 -0.42 5.79
CA GLU B 363 -0.87 -1.48 5.77
C GLU B 363 -2.27 -0.93 5.47
N GLY B 364 -2.66 0.17 6.10
CA GLY B 364 -3.95 0.76 5.75
C GLY B 364 -4.02 1.13 4.28
N SER B 365 -2.92 1.67 3.76
CA SER B 365 -2.82 2.02 2.35
C SER B 365 -2.92 0.79 1.46
N ASP B 366 -2.20 -0.28 1.83
CA ASP B 366 -2.18 -1.49 1.02
C ASP B 366 -3.59 -2.09 0.87
N VAL B 367 -4.36 -2.15 1.95
CA VAL B 367 -5.71 -2.70 1.85
C VAL B 367 -6.57 -1.82 0.96
N ALA B 368 -6.50 -0.51 1.17
CA ALA B 368 -7.29 0.39 0.33
C ALA B 368 -6.91 0.24 -1.14
N ASN B 369 -5.61 0.20 -1.42
CA ASN B 369 -5.23 0.16 -2.83
C ASN B 369 -5.55 -1.18 -3.49
N ALA B 370 -5.60 -2.28 -2.71
CA ALA B 370 -6.03 -3.55 -3.31
C ALA B 370 -7.45 -3.46 -3.78
N VAL B 371 -8.30 -2.82 -2.99
CA VAL B 371 -9.69 -2.62 -3.37
C VAL B 371 -9.77 -1.69 -4.59
N LEU B 372 -9.03 -0.58 -4.54
CA LEU B 372 -9.05 0.34 -5.68
C LEU B 372 -8.52 -0.33 -6.95
N ASP B 373 -7.52 -1.20 -6.82
CA ASP B 373 -7.02 -1.97 -7.97
C ASP B 373 -8.14 -2.79 -8.61
N GLY B 374 -9.04 -3.33 -7.78
CA GLY B 374 -10.16 -4.14 -8.25
C GLY B 374 -10.23 -5.53 -7.65
N ALA B 375 -9.50 -5.78 -6.56
CA ALA B 375 -9.51 -7.10 -5.93
C ALA B 375 -10.92 -7.47 -5.46
N ASP B 376 -11.33 -8.71 -5.75
CA ASP B 376 -12.62 -9.19 -5.27
C ASP B 376 -12.62 -9.43 -3.78
N CYS B 377 -11.51 -10.00 -3.30
CA CYS B 377 -11.35 -10.34 -1.88
C CYS B 377 -9.97 -9.89 -1.41
N ILE B 378 -9.89 -9.68 -0.10
CA ILE B 378 -8.63 -9.43 0.59
C ILE B 378 -8.53 -10.49 1.67
N MET B 379 -7.31 -10.72 2.15
CA MET B 379 -7.08 -11.89 2.98
C MET B 379 -6.22 -11.52 4.17
N LEU B 380 -6.39 -12.29 5.24
CA LEU B 380 -5.55 -12.22 6.44
C LEU B 380 -4.95 -13.59 6.68
N SER B 381 -3.68 -13.62 7.07
CA SER B 381 -2.98 -14.87 7.30
C SER B 381 -2.59 -14.90 8.78
N GLY B 382 -1.33 -14.60 9.12
CA GLY B 382 -0.93 -14.61 10.53
C GLY B 382 -1.78 -13.71 11.41
N GLU B 383 -2.30 -12.61 10.85
CA GLU B 383 -3.12 -11.68 11.61
C GLU B 383 -4.31 -12.36 12.28
N THR B 384 -4.92 -13.34 11.62
CA THR B 384 -6.02 -14.07 12.23
C THR B 384 -5.64 -15.46 12.71
N ALA B 385 -4.62 -16.09 12.11
CA ALA B 385 -4.29 -17.46 12.48
C ALA B 385 -3.56 -17.51 13.81
N LYS B 386 -2.64 -16.57 14.03
CA LYS B 386 -1.70 -16.67 15.15
C LYS B 386 -1.61 -15.43 16.02
N GLY B 387 -2.11 -14.28 15.57
CA GLY B 387 -1.80 -13.04 16.23
C GLY B 387 -2.65 -12.76 17.44
N ASP B 388 -2.31 -11.66 18.10
CA ASP B 388 -2.97 -11.25 19.33
C ASP B 388 -4.24 -10.46 19.10
N TYR B 389 -4.50 -10.02 17.86
CA TYR B 389 -5.62 -9.11 17.57
C TYR B 389 -6.42 -9.56 16.36
N PRO B 390 -6.89 -10.82 16.32
CA PRO B 390 -7.58 -11.28 15.11
C PRO B 390 -8.86 -10.53 14.81
N LEU B 391 -9.67 -10.22 15.82
CA LEU B 391 -10.92 -9.51 15.54
C LEU B 391 -10.65 -8.11 15.03
N GLU B 392 -9.64 -7.44 15.60
CA GLU B 392 -9.33 -6.08 15.17
C GLU B 392 -8.89 -6.08 13.72
N ALA B 393 -8.16 -7.11 13.30
CA ALA B 393 -7.68 -7.18 11.92
C ALA B 393 -8.84 -7.39 10.95
N VAL B 394 -9.77 -8.30 11.29
CA VAL B 394 -10.96 -8.46 10.46
C VAL B 394 -11.71 -7.14 10.36
N ARG B 395 -11.90 -6.48 11.51
CA ARG B 395 -12.70 -5.26 11.53
C ARG B 395 -12.05 -4.17 10.69
N MET B 396 -10.73 -4.08 10.74
CA MET B 396 -10.02 -3.06 9.97
C MET B 396 -10.14 -3.34 8.48
N GLN B 397 -10.07 -4.61 8.06
CA GLN B 397 -10.27 -4.88 6.63
C GLN B 397 -11.66 -4.45 6.18
N HIS B 398 -12.67 -4.74 6.99
CA HIS B 398 -14.04 -4.29 6.70
C HIS B 398 -14.11 -2.78 6.56
N LEU B 399 -13.54 -2.05 7.54
CA LEU B 399 -13.62 -0.59 7.51
C LEU B 399 -12.91 -0.02 6.29
N ILE B 400 -11.70 -0.48 6.01
CA ILE B 400 -10.93 0.09 4.91
C ILE B 400 -11.61 -0.24 3.59
N ALA B 401 -12.02 -1.50 3.42
CA ALA B 401 -12.64 -1.89 2.15
C ALA B 401 -13.84 -1.01 1.83
N ARG B 402 -14.72 -0.81 2.80
CA ARG B 402 -15.89 0.01 2.57
C ARG B 402 -15.52 1.43 2.19
N GLU B 403 -14.50 2.01 2.85
CA GLU B 403 -14.09 3.36 2.46
C GLU B 403 -13.53 3.37 1.04
N ALA B 404 -12.75 2.36 0.69
CA ALA B 404 -12.13 2.33 -0.62
C ALA B 404 -13.16 2.07 -1.71
N GLU B 405 -14.18 1.27 -1.41
CA GLU B 405 -15.22 1.00 -2.42
C GLU B 405 -15.91 2.28 -2.85
N ALA B 406 -16.11 3.21 -1.92
CA ALA B 406 -16.76 4.48 -2.26
C ALA B 406 -15.87 5.35 -3.13
N ALA B 407 -14.56 5.20 -2.99
CA ALA B 407 -13.55 6.02 -3.66
C ALA B 407 -13.23 5.54 -5.07
N ILE B 408 -13.73 4.36 -5.45
CA ILE B 408 -13.51 3.87 -6.81
C ILE B 408 -14.12 4.86 -7.80
N TYR B 409 -13.40 5.10 -8.90
CA TYR B 409 -13.90 5.98 -9.97
C TYR B 409 -14.75 5.14 -10.92
N HIS B 410 -16.00 4.88 -10.50
CA HIS B 410 -16.86 3.97 -11.27
C HIS B 410 -17.12 4.47 -12.68
N LEU B 411 -17.14 5.79 -12.85
CA LEU B 411 -17.42 6.34 -14.18
C LEU B 411 -16.46 5.76 -15.20
N GLN B 412 -15.17 5.76 -14.89
CA GLN B 412 -14.17 5.23 -15.82
C GLN B 412 -14.16 3.71 -15.82
N LEU B 413 -14.28 3.10 -14.64
CA LEU B 413 -14.19 1.64 -14.57
C LEU B 413 -15.32 0.98 -15.38
N PHE B 414 -16.56 1.45 -15.20
CA PHE B 414 -17.68 0.84 -15.91
C PHE B 414 -17.55 1.05 -17.42
N GLU B 415 -17.12 2.25 -17.82
CA GLU B 415 -16.92 2.51 -19.24
C GLU B 415 -15.90 1.56 -19.85
N GLU B 416 -14.80 1.32 -19.14
CA GLU B 416 -13.75 0.47 -19.67
C GLU B 416 -14.13 -1.00 -19.63
N LEU B 417 -14.79 -1.43 -18.56
CA LEU B 417 -15.27 -2.82 -18.53
C LEU B 417 -16.20 -3.08 -19.71
N ARG B 418 -17.09 -2.14 -20.00
CA ARG B 418 -18.02 -2.34 -21.11
C ARG B 418 -17.26 -2.42 -22.42
N ARG B 419 -16.31 -1.51 -22.61
CA ARG B 419 -15.59 -1.41 -23.89
C ARG B 419 -14.76 -2.66 -24.17
N LEU B 420 -14.27 -3.32 -23.12
CA LEU B 420 -13.36 -4.45 -23.26
C LEU B 420 -14.06 -5.80 -23.22
N ALA B 421 -15.34 -5.84 -22.86
CA ALA B 421 -16.02 -7.11 -22.71
C ALA B 421 -16.21 -7.78 -24.07
N PRO B 422 -16.22 -9.11 -24.11
CA PRO B 422 -16.47 -9.81 -25.37
C PRO B 422 -17.81 -9.41 -25.97
N ILE B 423 -17.87 -9.41 -27.29
CA ILE B 423 -19.09 -9.08 -28.01
C ILE B 423 -20.04 -10.27 -27.97
N THR B 424 -21.29 -10.02 -27.59
CA THR B 424 -22.28 -11.09 -27.55
C THR B 424 -23.68 -10.51 -27.58
N SER B 425 -24.61 -11.25 -28.18
CA SER B 425 -26.02 -10.87 -28.19
CA SER B 425 -26.02 -10.87 -28.19
C SER B 425 -26.81 -11.55 -27.07
N ASP B 426 -26.13 -12.24 -26.16
CA ASP B 426 -26.75 -12.93 -25.04
C ASP B 426 -27.70 -12.02 -24.26
N PRO B 427 -28.99 -12.37 -24.18
CA PRO B 427 -29.93 -11.56 -23.40
C PRO B 427 -29.54 -11.40 -21.94
N THR B 428 -29.00 -12.43 -21.31
CA THR B 428 -28.71 -12.32 -19.89
C THR B 428 -27.60 -11.30 -19.63
N GLU B 429 -26.54 -11.36 -20.45
CA GLU B 429 -25.45 -10.38 -20.32
CA GLU B 429 -25.46 -10.38 -20.33
C GLU B 429 -25.96 -8.96 -20.56
N ALA B 430 -26.83 -8.77 -21.57
CA ALA B 430 -27.33 -7.44 -21.85
C ALA B 430 -28.19 -6.93 -20.70
N THR B 431 -28.96 -7.82 -20.08
CA THR B 431 -29.77 -7.42 -18.93
C THR B 431 -28.89 -7.07 -17.74
N ALA B 432 -27.81 -7.83 -17.55
CA ALA B 432 -26.90 -7.51 -16.45
C ALA B 432 -26.27 -6.13 -16.62
N VAL B 433 -25.79 -5.79 -17.82
CA VAL B 433 -25.19 -4.47 -18.02
CA VAL B 433 -25.18 -4.48 -17.97
C VAL B 433 -26.24 -3.39 -17.86
N GLY B 434 -27.44 -3.64 -18.40
CA GLY B 434 -28.51 -2.68 -18.23
C GLY B 434 -28.83 -2.42 -16.78
N ALA B 435 -28.83 -3.48 -15.97
CA ALA B 435 -29.10 -3.35 -14.54
C ALA B 435 -28.03 -2.52 -13.84
N VAL B 436 -26.77 -2.75 -14.20
CA VAL B 436 -25.71 -1.99 -13.56
C VAL B 436 -25.80 -0.51 -13.95
N GLU B 437 -26.04 -0.22 -15.23
CA GLU B 437 -26.23 1.18 -15.62
C GLU B 437 -27.44 1.78 -14.91
N ALA B 438 -28.55 1.04 -14.86
CA ALA B 438 -29.72 1.54 -14.13
C ALA B 438 -29.37 1.82 -12.67
N SER B 439 -28.55 0.95 -12.06
CA SER B 439 -28.24 1.13 -10.65
C SER B 439 -27.45 2.43 -10.44
N PHE B 440 -26.59 2.79 -11.38
CA PHE B 440 -25.88 4.07 -11.27
C PHE B 440 -26.84 5.24 -11.44
N LYS B 441 -27.77 5.11 -12.39
CA LYS B 441 -28.65 6.22 -12.76
C LYS B 441 -29.53 6.64 -11.58
N CYS B 442 -29.95 5.71 -10.74
CA CYS B 442 -30.82 6.04 -9.62
C CYS B 442 -30.16 5.82 -8.27
N CYS B 443 -28.84 5.64 -8.25
CA CYS B 443 -28.08 5.38 -7.01
CA CYS B 443 -28.10 5.39 -7.00
C CYS B 443 -28.81 4.35 -6.16
N SER B 444 -29.03 3.19 -6.78
CA SER B 444 -29.90 2.20 -6.17
CA SER B 444 -29.86 2.15 -6.20
C SER B 444 -29.28 1.63 -4.90
N GLY B 445 -30.15 1.18 -4.00
CA GLY B 445 -29.67 0.59 -2.75
C GLY B 445 -29.16 -0.82 -2.90
N ALA B 446 -29.50 -1.49 -3.99
CA ALA B 446 -29.03 -2.85 -4.25
C ALA B 446 -29.48 -3.29 -5.63
N ILE B 447 -28.80 -4.31 -6.15
CA ILE B 447 -29.29 -5.13 -7.26
C ILE B 447 -29.59 -6.51 -6.70
N ILE B 448 -30.84 -6.94 -6.82
CA ILE B 448 -31.27 -8.25 -6.32
C ILE B 448 -31.25 -9.21 -7.48
N VAL B 449 -30.62 -10.37 -7.31
CA VAL B 449 -30.55 -11.35 -8.39
CA VAL B 449 -30.48 -11.35 -8.39
C VAL B 449 -30.79 -12.74 -7.81
N LEU B 450 -31.51 -13.55 -8.58
CA LEU B 450 -31.82 -14.92 -8.18
C LEU B 450 -30.88 -15.87 -8.92
N THR B 451 -30.30 -16.83 -8.20
CA THR B 451 -29.32 -17.70 -8.84
C THR B 451 -29.26 -19.05 -8.13
N LYS B 452 -29.16 -20.11 -8.92
CA LYS B 452 -28.97 -21.46 -8.40
C LYS B 452 -27.50 -21.80 -8.20
N SER B 453 -26.67 -21.54 -9.22
CA SER B 453 -25.29 -21.97 -9.19
C SER B 453 -24.31 -20.81 -9.04
N GLY B 454 -24.78 -19.57 -9.18
CA GLY B 454 -23.97 -18.38 -8.94
C GLY B 454 -23.81 -17.50 -10.16
N ARG B 455 -23.83 -18.10 -11.37
CA ARG B 455 -23.42 -17.37 -12.57
C ARG B 455 -24.18 -16.06 -12.77
N TYR B 456 -25.51 -16.06 -12.59
CA TYR B 456 -26.26 -14.85 -12.87
C TYR B 456 -25.78 -13.69 -12.00
N ALA B 457 -25.41 -13.97 -10.76
CA ALA B 457 -24.84 -12.93 -9.90
C ALA B 457 -23.43 -12.58 -10.33
N HIS B 458 -22.62 -13.58 -10.69
CA HIS B 458 -21.28 -13.30 -11.19
C HIS B 458 -21.32 -12.33 -12.35
N GLN B 459 -22.31 -12.47 -13.24
CA GLN B 459 -22.36 -11.64 -14.43
C GLN B 459 -22.60 -10.18 -14.08
N VAL B 460 -23.35 -9.91 -13.01
CA VAL B 460 -23.56 -8.53 -12.58
C VAL B 460 -22.28 -8.01 -11.91
N ALA B 461 -21.69 -8.83 -11.05
CA ALA B 461 -20.50 -8.40 -10.31
C ALA B 461 -19.36 -7.99 -11.24
N ARG B 462 -19.26 -8.62 -12.41
CA ARG B 462 -18.12 -8.31 -13.25
C ARG B 462 -18.21 -6.90 -13.86
N TYR B 463 -19.39 -6.26 -13.84
CA TYR B 463 -19.46 -4.87 -14.27
C TYR B 463 -19.33 -3.89 -13.11
N ARG B 464 -19.08 -4.40 -11.90
CA ARG B 464 -18.65 -3.66 -10.72
C ARG B 464 -19.57 -2.49 -10.37
N PRO B 465 -20.85 -2.74 -10.13
CA PRO B 465 -21.73 -1.69 -9.62
C PRO B 465 -21.26 -1.19 -8.26
N ARG B 466 -21.66 0.03 -7.95
CA ARG B 466 -21.46 0.56 -6.61
CA ARG B 466 -21.48 0.56 -6.60
C ARG B 466 -22.41 -0.12 -5.61
N ALA B 467 -23.67 -0.34 -6.02
CA ALA B 467 -24.67 -0.94 -5.15
C ALA B 467 -24.33 -2.41 -4.86
N PRO B 468 -24.65 -2.88 -3.66
CA PRO B 468 -24.44 -4.29 -3.36
C PRO B 468 -25.36 -5.16 -4.20
N ILE B 469 -24.90 -6.38 -4.46
CA ILE B 469 -25.64 -7.37 -5.24
C ILE B 469 -26.18 -8.39 -4.26
N ILE B 470 -27.47 -8.34 -3.94
CA ILE B 470 -28.04 -9.33 -3.02
C ILE B 470 -28.43 -10.54 -3.87
N ALA B 471 -27.67 -11.62 -3.75
CA ALA B 471 -27.89 -12.82 -4.57
C ALA B 471 -28.67 -13.82 -3.73
N VAL B 472 -29.91 -14.11 -4.12
CA VAL B 472 -30.77 -15.04 -3.40
C VAL B 472 -30.62 -16.42 -4.03
N THR B 473 -30.28 -17.42 -3.22
CA THR B 473 -30.14 -18.78 -3.70
C THR B 473 -30.74 -19.71 -2.65
N ARG B 474 -31.20 -20.88 -3.07
CA ARG B 474 -31.51 -21.96 -2.15
C ARG B 474 -30.38 -22.97 -2.02
N ASN B 475 -29.30 -22.78 -2.76
CA ASN B 475 -28.19 -23.71 -2.80
C ASN B 475 -27.17 -23.23 -1.77
N PRO B 476 -26.94 -23.97 -0.68
CA PRO B 476 -26.01 -23.49 0.35
C PRO B 476 -24.59 -23.34 -0.13
N GLN B 477 -24.13 -24.21 -1.04
CA GLN B 477 -22.77 -24.07 -1.56
C GLN B 477 -22.63 -22.81 -2.41
N THR B 478 -23.63 -22.53 -3.26
CA THR B 478 -23.61 -21.27 -4.02
C THR B 478 -23.53 -20.07 -3.07
N ALA B 479 -24.30 -20.12 -2.00
CA ALA B 479 -24.30 -19.02 -1.03
C ALA B 479 -22.91 -18.81 -0.43
N ARG B 480 -22.20 -19.90 -0.12
CA ARG B 480 -20.85 -19.78 0.41
C ARG B 480 -19.84 -19.34 -0.67
N GLN B 481 -19.97 -19.91 -1.87
CA GLN B 481 -18.98 -19.60 -2.90
C GLN B 481 -19.10 -18.17 -3.43
N ALA B 482 -20.27 -17.55 -3.28
CA ALA B 482 -20.51 -16.24 -3.84
C ALA B 482 -19.61 -15.17 -3.24
N HIS B 483 -19.07 -15.43 -2.04
CA HIS B 483 -18.16 -14.50 -1.38
C HIS B 483 -16.90 -14.23 -2.19
N LEU B 484 -16.57 -15.08 -3.15
CA LEU B 484 -15.39 -14.84 -3.95
C LEU B 484 -15.53 -13.60 -4.84
N TYR B 485 -16.73 -13.09 -5.08
CA TYR B 485 -16.94 -12.00 -6.03
C TYR B 485 -17.21 -10.69 -5.31
N ARG B 486 -16.52 -9.63 -5.76
CA ARG B 486 -16.82 -8.29 -5.27
C ARG B 486 -18.32 -7.98 -5.36
N GLY B 487 -18.90 -7.59 -4.25
CA GLY B 487 -20.23 -7.04 -4.24
C GLY B 487 -21.34 -8.04 -4.04
N ILE B 488 -21.07 -9.32 -4.16
CA ILE B 488 -22.18 -10.28 -4.01
C ILE B 488 -22.38 -10.52 -2.53
N PHE B 489 -23.55 -10.15 -2.03
CA PHE B 489 -23.96 -10.40 -0.67
C PHE B 489 -24.94 -11.57 -0.72
N PRO B 490 -24.48 -12.81 -0.52
CA PRO B 490 -25.38 -13.96 -0.71
C PRO B 490 -26.38 -14.06 0.44
N VAL B 491 -27.61 -14.44 0.11
CA VAL B 491 -28.60 -14.75 1.13
C VAL B 491 -29.20 -16.11 0.81
N LEU B 492 -29.22 -16.98 1.81
CA LEU B 492 -29.66 -18.36 1.64
C LEU B 492 -31.14 -18.45 2.00
N CYS B 493 -31.98 -18.61 0.98
CA CYS B 493 -33.42 -18.72 1.19
C CYS B 493 -33.74 -20.15 1.61
N LYS B 494 -34.45 -20.28 2.73
CA LYS B 494 -34.76 -21.58 3.31
C LYS B 494 -36.23 -21.94 3.17
N ASP B 495 -37.03 -21.13 2.49
CA ASP B 495 -38.44 -21.42 2.32
C ASP B 495 -38.63 -22.53 1.28
N PRO B 496 -39.67 -23.35 1.42
CA PRO B 496 -39.96 -24.33 0.38
C PRO B 496 -40.33 -23.63 -0.93
N VAL B 497 -40.13 -24.35 -2.04
CA VAL B 497 -40.52 -23.83 -3.34
C VAL B 497 -42.03 -23.71 -3.39
N GLN B 498 -42.52 -22.56 -3.85
CA GLN B 498 -43.95 -22.32 -3.99
C GLN B 498 -44.48 -23.05 -5.22
N GLU B 499 -45.81 -23.24 -5.25
CA GLU B 499 -46.42 -23.99 -6.34
C GLU B 499 -46.28 -23.25 -7.67
N ALA B 500 -46.58 -21.95 -7.67
CA ALA B 500 -46.52 -21.16 -8.89
C ALA B 500 -45.13 -20.54 -9.03
N TRP B 501 -44.56 -20.64 -10.24
CA TRP B 501 -43.23 -20.08 -10.50
C TRP B 501 -43.16 -18.59 -10.16
N ALA B 502 -44.19 -17.83 -10.54
CA ALA B 502 -44.15 -16.38 -10.30
C ALA B 502 -44.22 -16.06 -8.82
N GLU B 503 -45.02 -16.81 -8.05
CA GLU B 503 -45.05 -16.62 -6.60
C GLU B 503 -43.73 -17.01 -5.96
N ASP B 504 -43.04 -18.02 -6.49
CA ASP B 504 -41.77 -18.41 -5.90
C ASP B 504 -40.69 -17.37 -6.18
N VAL B 505 -40.74 -16.76 -7.36
CA VAL B 505 -39.85 -15.64 -7.65
C VAL B 505 -40.12 -14.50 -6.67
N ASP B 506 -41.39 -14.15 -6.49
CA ASP B 506 -41.73 -13.03 -5.60
C ASP B 506 -41.28 -13.32 -4.17
N LEU B 507 -41.46 -14.55 -3.70
CA LEU B 507 -41.02 -14.90 -2.35
C LEU B 507 -39.53 -14.62 -2.18
N ARG B 508 -38.73 -15.02 -3.16
CA ARG B 508 -37.28 -14.85 -3.04
C ARG B 508 -36.89 -13.38 -3.16
N VAL B 509 -37.57 -12.61 -4.02
CA VAL B 509 -37.29 -11.18 -4.09
C VAL B 509 -37.67 -10.49 -2.78
N ASN B 510 -38.81 -10.88 -2.18
CA ASN B 510 -39.25 -10.27 -0.94
C ASN B 510 -38.29 -10.59 0.20
N PHE B 511 -37.71 -11.79 0.18
CA PHE B 511 -36.69 -12.16 1.15
C PHE B 511 -35.50 -11.23 1.06
N ALA B 512 -35.02 -10.97 -0.16
CA ALA B 512 -33.91 -10.04 -0.34
C ALA B 512 -34.29 -8.64 0.14
N MET B 513 -35.52 -8.22 -0.15
CA MET B 513 -35.96 -6.89 0.27
C MET B 513 -35.91 -6.77 1.79
N ASN B 514 -36.34 -7.82 2.49
CA ASN B 514 -36.34 -7.77 3.94
C ASN B 514 -34.93 -7.86 4.51
N VAL B 515 -34.06 -8.66 3.88
CA VAL B 515 -32.66 -8.70 4.32
C VAL B 515 -32.04 -7.32 4.16
N GLY B 516 -32.24 -6.69 3.01
CA GLY B 516 -31.65 -5.38 2.78
C GLY B 516 -32.17 -4.33 3.74
N LYS B 517 -33.45 -4.38 4.07
CA LYS B 517 -33.98 -3.44 5.05
C LYS B 517 -33.40 -3.71 6.43
N ALA B 518 -33.30 -4.98 6.83
CA ALA B 518 -32.78 -5.32 8.14
C ALA B 518 -31.31 -4.95 8.28
N ARG B 519 -30.54 -5.03 7.20
CA ARG B 519 -29.12 -4.73 7.23
C ARG B 519 -28.82 -3.25 7.02
N GLY B 520 -29.85 -2.43 6.81
CA GLY B 520 -29.64 -1.01 6.58
C GLY B 520 -29.11 -0.64 5.21
N PHE B 521 -29.26 -1.52 4.21
CA PHE B 521 -28.83 -1.18 2.85
C PHE B 521 -29.77 -0.19 2.17
N PHE B 522 -31.06 -0.24 2.53
CA PHE B 522 -32.03 0.66 1.94
C PHE B 522 -33.26 0.68 2.85
N LYS B 523 -34.15 1.62 2.57
CA LYS B 523 -35.39 1.79 3.32
C LYS B 523 -36.46 2.32 2.37
N LYS B 524 -37.67 2.46 2.88
CA LYS B 524 -38.77 2.96 2.04
C LYS B 524 -38.37 4.29 1.39
N GLY B 525 -38.78 4.46 0.14
CA GLY B 525 -38.38 5.60 -0.65
C GLY B 525 -37.12 5.40 -1.45
N ASP B 526 -36.30 4.40 -1.11
CA ASP B 526 -35.17 4.06 -1.94
C ASP B 526 -35.63 3.28 -3.16
N VAL B 527 -34.70 3.00 -4.07
CA VAL B 527 -34.98 2.26 -5.29
C VAL B 527 -34.01 1.10 -5.37
N VAL B 528 -34.51 -0.06 -5.80
CA VAL B 528 -33.65 -1.24 -5.96
C VAL B 528 -33.91 -1.82 -7.35
N ILE B 529 -32.88 -2.44 -7.91
CA ILE B 529 -32.97 -3.11 -9.20
C ILE B 529 -33.17 -4.60 -8.92
N VAL B 530 -34.11 -5.25 -9.62
CA VAL B 530 -34.43 -6.65 -9.40
C VAL B 530 -34.29 -7.39 -10.72
N LEU B 531 -33.44 -8.43 -10.73
CA LEU B 531 -33.21 -9.25 -11.91
C LEU B 531 -33.77 -10.65 -11.71
N THR B 532 -34.61 -11.09 -12.64
CA THR B 532 -35.21 -12.41 -12.49
C THR B 532 -35.26 -13.15 -13.83
N GLY B 533 -35.66 -14.42 -13.76
CA GLY B 533 -35.69 -15.25 -14.94
C GLY B 533 -36.84 -14.94 -15.86
N TRP B 534 -36.73 -15.42 -17.10
CA TRP B 534 -37.71 -15.08 -18.13
C TRP B 534 -39.07 -15.71 -17.83
N ARG B 535 -39.08 -17.03 -17.67
CA ARG B 535 -40.32 -17.80 -17.56
C ARG B 535 -39.94 -19.24 -17.21
N PRO B 536 -40.91 -20.04 -16.75
CA PRO B 536 -40.59 -21.44 -16.43
C PRO B 536 -39.90 -22.15 -17.58
N GLY B 537 -38.84 -22.88 -17.24
CA GLY B 537 -38.08 -23.65 -18.20
C GLY B 537 -37.04 -22.89 -18.98
N SER B 538 -36.90 -21.59 -18.77
CA SER B 538 -35.86 -20.81 -19.41
C SER B 538 -34.67 -20.64 -18.48
N GLY B 539 -33.47 -20.61 -19.05
CA GLY B 539 -32.26 -20.25 -18.34
C GLY B 539 -31.85 -18.80 -18.50
N PHE B 540 -32.64 -17.99 -19.19
CA PHE B 540 -32.33 -16.57 -19.34
C PHE B 540 -32.71 -15.82 -18.06
N THR B 541 -31.77 -15.02 -17.56
CA THR B 541 -32.07 -13.99 -16.55
C THR B 541 -32.08 -12.67 -17.31
N ASN B 542 -33.27 -12.33 -17.81
CA ASN B 542 -33.44 -11.31 -18.83
C ASN B 542 -34.53 -10.32 -18.47
N THR B 543 -34.97 -10.30 -17.21
CA THR B 543 -36.06 -9.45 -16.77
C THR B 543 -35.53 -8.52 -15.69
N MET B 544 -35.67 -7.22 -15.90
CA MET B 544 -35.19 -6.21 -14.98
C MET B 544 -36.34 -5.33 -14.52
N ARG B 545 -36.51 -5.19 -13.21
CA ARG B 545 -37.50 -4.29 -12.65
CA ARG B 545 -37.50 -4.29 -12.65
C ARG B 545 -36.80 -3.26 -11.78
N VAL B 546 -37.28 -2.03 -11.82
CA VAL B 546 -36.74 -0.94 -11.02
C VAL B 546 -37.83 -0.62 -10.00
N VAL B 547 -37.56 -0.96 -8.74
CA VAL B 547 -38.60 -1.12 -7.73
C VAL B 547 -38.41 -0.07 -6.64
N PRO B 548 -39.37 0.83 -6.42
CA PRO B 548 -39.32 1.65 -5.20
C PRO B 548 -39.42 0.74 -3.99
N VAL B 549 -38.62 1.04 -2.97
CA VAL B 549 -38.61 0.19 -1.77
C VAL B 549 -39.88 0.50 -1.00
N PRO B 550 -40.73 -0.50 -0.74
CA PRO B 550 -41.99 -0.28 -0.03
C PRO B 550 -41.76 -0.07 1.46
#